data_2M0Q
#
_entry.id   2M0Q
#
_entity_poly.entity_id   1
_entity_poly.type   'polypeptide(L)'
_entity_poly.pdbx_seq_one_letter_code
;MSTLSNFTQTLEDVFRRIFITYMDNWRQNTTAEQEALQAKVDAENFYYVILYLMVMIGMFSFIIVAILVSTVKSKRREHS
NDPYHQYIVEDWQEKYKSQILNLEESKATIHENIGAAGFKMSP
;
_entity_poly.pdbx_strand_id   A
#
# COMPACT_ATOMS: atom_id res chain seq x y z
N MET A 1 -14.61 -44.30 -15.07
CA MET A 1 -15.42 -43.18 -14.52
C MET A 1 -14.76 -42.66 -13.24
N SER A 2 -14.38 -41.38 -13.26
CA SER A 2 -13.74 -40.76 -12.10
C SER A 2 -14.68 -39.74 -11.46
N THR A 3 -15.52 -40.20 -10.55
CA THR A 3 -16.45 -39.32 -9.87
C THR A 3 -15.70 -38.20 -9.15
N LEU A 4 -14.41 -38.42 -8.91
CA LEU A 4 -13.60 -37.42 -8.24
C LEU A 4 -13.61 -36.10 -9.01
N SER A 5 -13.68 -36.20 -10.33
CA SER A 5 -13.72 -35.01 -11.18
C SER A 5 -15.08 -34.32 -11.09
N ASN A 6 -16.14 -35.13 -11.00
CA ASN A 6 -17.48 -34.58 -10.91
C ASN A 6 -17.73 -33.99 -9.52
N PHE A 7 -17.14 -34.61 -8.52
CA PHE A 7 -17.30 -34.15 -7.15
C PHE A 7 -16.48 -32.89 -6.90
N THR A 8 -15.32 -32.82 -7.55
CA THR A 8 -14.45 -31.65 -7.40
C THR A 8 -15.21 -30.36 -7.71
N GLN A 9 -16.09 -30.42 -8.70
CA GLN A 9 -16.88 -29.26 -9.08
C GLN A 9 -17.76 -28.80 -7.92
N THR A 10 -18.23 -29.76 -7.13
CA THR A 10 -19.08 -29.45 -5.99
C THR A 10 -18.25 -28.90 -4.84
N LEU A 11 -17.10 -29.50 -4.61
CA LEU A 11 -16.22 -29.06 -3.52
C LEU A 11 -15.88 -27.59 -3.65
N GLU A 12 -15.64 -27.14 -4.88
CA GLU A 12 -15.30 -25.75 -5.14
C GLU A 12 -16.42 -24.83 -4.66
N ASP A 13 -17.66 -25.26 -4.84
CA ASP A 13 -18.81 -24.45 -4.44
C ASP A 13 -18.90 -24.36 -2.91
N VAL A 14 -18.57 -25.46 -2.24
CA VAL A 14 -18.62 -25.49 -0.79
C VAL A 14 -17.42 -24.74 -0.22
N PHE A 15 -16.24 -25.03 -0.77
CA PHE A 15 -15.03 -24.36 -0.33
C PHE A 15 -15.20 -22.85 -0.50
N ARG A 16 -15.95 -22.47 -1.54
CA ARG A 16 -16.20 -21.05 -1.79
C ARG A 16 -16.98 -20.44 -0.64
N ARG A 17 -18.00 -21.15 -0.20
CA ARG A 17 -18.83 -20.68 0.91
C ARG A 17 -18.07 -20.81 2.22
N ILE A 18 -17.29 -21.89 2.34
CA ILE A 18 -16.51 -22.11 3.56
C ILE A 18 -15.34 -21.13 3.63
N PHE A 19 -14.81 -20.77 2.47
CA PHE A 19 -13.69 -19.85 2.39
C PHE A 19 -14.17 -18.44 2.74
N ILE A 20 -15.22 -18.00 2.07
CA ILE A 20 -15.77 -16.68 2.33
C ILE A 20 -16.28 -16.65 3.77
N THR A 21 -16.89 -17.76 4.17
CA THR A 21 -17.41 -17.90 5.52
C THR A 21 -16.26 -18.12 6.50
N TYR A 22 -15.26 -18.89 6.07
CA TYR A 22 -14.11 -19.15 6.95
C TYR A 22 -13.37 -17.84 7.23
N MET A 23 -13.22 -17.03 6.19
CA MET A 23 -12.55 -15.75 6.33
C MET A 23 -13.43 -14.80 7.16
N ASP A 24 -14.73 -15.05 7.10
CA ASP A 24 -15.69 -14.21 7.84
C ASP A 24 -15.65 -14.53 9.33
N ASN A 25 -15.70 -15.81 9.66
CA ASN A 25 -15.68 -16.25 11.06
C ASN A 25 -14.42 -15.77 11.76
N TRP A 26 -13.30 -15.78 11.03
CA TRP A 26 -12.02 -15.36 11.60
C TRP A 26 -12.11 -13.91 12.09
N ARG A 27 -12.91 -13.10 11.40
CA ARG A 27 -13.06 -11.70 11.77
C ARG A 27 -13.76 -11.56 13.12
N GLN A 28 -14.52 -12.59 13.50
CA GLN A 28 -15.24 -12.58 14.77
C GLN A 28 -14.30 -12.90 15.92
N ASN A 29 -13.47 -13.93 15.74
CA ASN A 29 -12.53 -14.33 16.77
C ASN A 29 -11.33 -13.40 16.80
N THR A 30 -11.12 -12.68 15.69
CA THR A 30 -9.99 -11.74 15.61
C THR A 30 -10.17 -10.60 16.60
N THR A 31 -11.42 -10.25 16.86
CA THR A 31 -11.71 -9.17 17.81
C THR A 31 -11.01 -9.40 19.13
N ALA A 32 -11.11 -10.63 19.65
CA ALA A 32 -10.48 -10.96 20.91
C ALA A 32 -9.01 -10.53 20.91
N GLU A 33 -8.35 -10.72 19.78
CA GLU A 33 -6.94 -10.34 19.66
C GLU A 33 -6.79 -8.83 19.66
N GLN A 34 -7.75 -8.14 19.06
CA GLN A 34 -7.72 -6.68 19.00
C GLN A 34 -8.05 -6.08 20.36
N GLU A 35 -9.02 -6.69 21.05
CA GLU A 35 -9.42 -6.20 22.36
C GLU A 35 -8.23 -6.13 23.30
N ALA A 36 -7.36 -7.15 23.24
CA ALA A 36 -6.18 -7.19 24.10
C ALA A 36 -5.14 -6.19 23.62
N LEU A 37 -5.02 -6.04 22.31
CA LEU A 37 -4.05 -5.11 21.74
C LEU A 37 -4.49 -3.67 21.96
N GLN A 38 -5.77 -3.40 21.69
CA GLN A 38 -6.31 -2.05 21.86
C GLN A 38 -6.02 -1.54 23.27
N ALA A 39 -5.82 -2.47 24.20
CA ALA A 39 -5.54 -2.10 25.59
C ALA A 39 -4.15 -1.46 25.68
N LYS A 40 -3.30 -1.77 24.70
CA LYS A 40 -1.95 -1.22 24.67
C LYS A 40 -1.88 -0.02 23.74
N VAL A 41 -2.89 0.10 22.88
CA VAL A 41 -2.95 1.19 21.92
C VAL A 41 -1.56 1.77 21.65
N ASP A 42 -1.45 3.09 21.70
CA ASP A 42 -0.18 3.76 21.47
C ASP A 42 -0.02 4.94 22.40
N ALA A 43 0.89 4.82 23.37
CA ALA A 43 1.13 5.90 24.33
C ALA A 43 1.87 7.05 23.66
N GLU A 44 2.63 6.74 22.61
CA GLU A 44 3.38 7.75 21.90
C GLU A 44 2.45 8.68 21.12
N ASN A 45 1.51 8.08 20.41
CA ASN A 45 0.55 8.86 19.62
C ASN A 45 1.25 9.51 18.43
N PHE A 46 2.46 10.01 18.67
CA PHE A 46 3.23 10.66 17.61
C PHE A 46 3.60 9.65 16.53
N TYR A 47 3.69 8.38 16.91
CA TYR A 47 4.04 7.33 15.97
C TYR A 47 2.88 7.06 15.01
N TYR A 48 1.67 7.24 15.52
CA TYR A 48 0.48 7.01 14.70
C TYR A 48 0.50 7.88 13.45
N VAL A 49 0.92 9.13 13.61
CA VAL A 49 0.98 10.06 12.49
C VAL A 49 2.22 9.80 11.64
N ILE A 50 3.31 9.38 12.28
CA ILE A 50 4.55 9.10 11.57
C ILE A 50 4.41 7.85 10.71
N LEU A 51 3.82 6.81 11.29
CA LEU A 51 3.63 5.56 10.56
C LEU A 51 2.68 5.76 9.38
N TYR A 52 1.69 6.62 9.57
CA TYR A 52 0.71 6.90 8.51
C TYR A 52 1.40 7.46 7.27
N LEU A 53 2.40 8.31 7.49
CA LEU A 53 3.13 8.92 6.38
C LEU A 53 4.01 7.88 5.68
N MET A 54 4.60 6.99 6.46
CA MET A 54 5.47 5.95 5.91
C MET A 54 4.75 5.18 4.80
N VAL A 55 3.51 4.79 5.08
CA VAL A 55 2.71 4.05 4.11
C VAL A 55 2.08 4.99 3.09
N MET A 56 2.06 6.28 3.41
CA MET A 56 1.47 7.27 2.52
C MET A 56 2.28 7.38 1.23
N ILE A 57 3.49 7.92 1.33
CA ILE A 57 4.35 8.08 0.16
C ILE A 57 4.87 6.72 -0.32
N GLY A 58 5.16 5.84 0.62
CA GLY A 58 5.67 4.51 0.28
C GLY A 58 4.74 3.80 -0.71
N MET A 59 3.43 3.93 -0.49
CA MET A 59 2.46 3.30 -1.38
C MET A 59 2.41 4.01 -2.73
N PHE A 60 2.42 5.34 -2.69
CA PHE A 60 2.38 6.13 -3.90
C PHE A 60 3.61 5.89 -4.76
N SER A 61 4.76 5.74 -4.11
CA SER A 61 6.01 5.50 -4.83
C SER A 61 6.03 4.10 -5.43
N PHE A 62 5.47 3.13 -4.72
CA PHE A 62 5.43 1.76 -5.20
C PHE A 62 4.66 1.68 -6.52
N ILE A 63 3.54 2.40 -6.59
CA ILE A 63 2.73 2.40 -7.81
C ILE A 63 3.52 2.97 -8.98
N ILE A 64 4.15 4.12 -8.77
CA ILE A 64 4.92 4.76 -9.81
C ILE A 64 6.01 3.82 -10.32
N VAL A 65 6.68 3.14 -9.38
CA VAL A 65 7.74 2.20 -9.74
C VAL A 65 7.16 0.96 -10.41
N ALA A 66 5.99 0.53 -9.95
CA ALA A 66 5.34 -0.65 -10.50
C ALA A 66 5.14 -0.51 -12.00
N ILE A 67 4.60 0.63 -12.42
CA ILE A 67 4.35 0.86 -13.84
C ILE A 67 5.64 1.21 -14.58
N LEU A 68 6.54 1.92 -13.90
CA LEU A 68 7.81 2.30 -14.51
C LEU A 68 8.56 1.07 -15.01
N VAL A 69 8.63 0.05 -14.17
CA VAL A 69 9.32 -1.19 -14.53
C VAL A 69 8.50 -1.99 -15.53
N SER A 70 7.18 -1.99 -15.34
CA SER A 70 6.29 -2.73 -16.23
C SER A 70 6.27 -2.06 -17.60
N THR A 71 6.24 -0.74 -17.60
CA THR A 71 6.24 0.02 -18.85
C THR A 71 7.63 -0.03 -19.48
N VAL A 72 8.65 -0.12 -18.62
CA VAL A 72 10.02 -0.17 -19.10
C VAL A 72 10.33 -1.53 -19.69
N LYS A 73 9.99 -2.57 -18.94
CA LYS A 73 10.22 -3.94 -19.40
C LYS A 73 9.33 -4.24 -20.59
N SER A 74 8.17 -3.59 -20.63
CA SER A 74 7.23 -3.79 -21.72
C SER A 74 7.90 -3.54 -23.07
N LYS A 75 8.87 -2.63 -23.07
CA LYS A 75 9.58 -2.29 -24.31
C LYS A 75 10.55 -3.41 -24.67
N ARG A 76 10.70 -4.38 -23.78
CA ARG A 76 11.61 -5.49 -24.02
C ARG A 76 11.01 -6.46 -25.04
N ARG A 77 9.74 -6.79 -24.85
CA ARG A 77 9.05 -7.71 -25.75
C ARG A 77 10.01 -8.79 -26.25
N GLU A 78 10.33 -9.73 -25.37
CA GLU A 78 11.24 -10.82 -25.73
C GLU A 78 10.43 -12.09 -26.02
N HIS A 79 10.90 -12.85 -27.00
CA HIS A 79 10.22 -14.09 -27.38
C HIS A 79 11.22 -15.11 -27.93
N SER A 80 12.01 -15.68 -27.02
CA SER A 80 13.00 -16.68 -27.42
C SER A 80 12.74 -18.00 -26.69
N ASN A 81 13.68 -18.94 -26.82
CA ASN A 81 13.53 -20.24 -26.17
C ASN A 81 14.80 -20.59 -25.41
N ASP A 82 14.64 -20.89 -24.12
CA ASP A 82 15.78 -21.27 -23.28
C ASP A 82 15.50 -22.57 -22.55
N PRO A 83 16.51 -23.39 -22.38
CA PRO A 83 16.36 -24.70 -21.68
C PRO A 83 16.20 -24.54 -20.17
N TYR A 84 15.21 -25.23 -19.61
CA TYR A 84 14.95 -25.15 -18.18
C TYR A 84 15.50 -26.39 -17.47
N HIS A 85 15.97 -26.20 -16.25
CA HIS A 85 16.52 -27.31 -15.47
C HIS A 85 15.90 -28.64 -15.92
N GLN A 86 16.48 -29.23 -16.95
CA GLN A 86 15.98 -30.50 -17.47
C GLN A 86 16.16 -31.61 -16.44
N TYR A 87 17.05 -31.37 -15.48
CA TYR A 87 17.33 -32.35 -14.44
C TYR A 87 16.21 -32.38 -13.41
N ILE A 88 15.15 -31.63 -13.66
CA ILE A 88 14.02 -31.57 -12.73
C ILE A 88 13.47 -32.97 -12.46
N VAL A 89 13.76 -33.92 -13.34
CA VAL A 89 13.28 -35.28 -13.18
C VAL A 89 14.12 -36.06 -12.18
N GLU A 90 15.43 -35.78 -12.17
CA GLU A 90 16.33 -36.47 -11.25
C GLU A 90 16.17 -35.94 -9.83
N ASP A 91 16.04 -34.63 -9.70
CA ASP A 91 15.90 -34.01 -8.39
C ASP A 91 14.54 -34.34 -7.78
N TRP A 92 13.57 -34.66 -8.63
CA TRP A 92 12.23 -34.99 -8.14
C TRP A 92 12.23 -36.34 -7.44
N GLN A 93 12.95 -37.30 -7.99
CA GLN A 93 13.03 -38.63 -7.40
C GLN A 93 13.57 -38.54 -5.98
N GLU A 94 14.31 -37.46 -5.70
CA GLU A 94 14.88 -37.27 -4.37
C GLU A 94 13.79 -36.81 -3.40
N LYS A 95 13.00 -35.84 -3.83
CA LYS A 95 11.93 -35.32 -2.99
C LYS A 95 10.78 -36.32 -2.95
N TYR A 96 10.70 -37.15 -3.98
CA TYR A 96 9.64 -38.16 -4.05
C TYR A 96 9.73 -39.11 -2.86
N LYS A 97 10.94 -39.25 -2.32
CA LYS A 97 11.16 -40.13 -1.18
C LYS A 97 10.57 -39.51 0.08
N SER A 98 10.60 -38.19 0.15
CA SER A 98 10.07 -37.47 1.31
C SER A 98 8.60 -37.83 1.52
N GLN A 99 7.87 -38.00 0.42
CA GLN A 99 6.46 -38.33 0.50
C GLN A 99 6.25 -39.61 1.31
N ILE A 100 7.04 -40.63 0.99
CA ILE A 100 6.94 -41.91 1.69
C ILE A 100 7.26 -41.72 3.17
N LEU A 101 8.23 -40.85 3.46
CA LEU A 101 8.62 -40.60 4.83
C LEU A 101 7.49 -39.88 5.58
N ASN A 102 6.86 -38.92 4.90
CA ASN A 102 5.76 -38.17 5.51
C ASN A 102 4.61 -39.11 5.88
N LEU A 103 4.37 -40.09 5.02
CA LEU A 103 3.30 -41.06 5.26
C LEU A 103 3.51 -41.75 6.61
N GLU A 104 4.76 -42.11 6.89
CA GLU A 104 5.08 -42.79 8.15
C GLU A 104 4.82 -41.85 9.33
N GLU A 105 5.13 -40.57 9.14
CA GLU A 105 4.94 -39.60 10.21
C GLU A 105 3.45 -39.41 10.49
N SER A 106 2.64 -39.47 9.43
CA SER A 106 1.20 -39.32 9.58
C SER A 106 0.63 -40.38 10.51
N LYS A 107 1.10 -41.62 10.36
CA LYS A 107 0.63 -42.71 11.19
C LYS A 107 0.82 -42.38 12.67
N ALA A 108 1.95 -41.77 13.00
CA ALA A 108 2.23 -41.41 14.38
C ALA A 108 1.33 -40.26 14.83
N THR A 109 1.01 -39.37 13.91
CA THR A 109 0.15 -38.22 14.22
C THR A 109 -1.31 -38.65 14.26
N ILE A 110 -1.68 -39.59 13.39
CA ILE A 110 -3.06 -40.06 13.33
C ILE A 110 -3.39 -40.91 14.55
N HIS A 111 -2.45 -41.76 14.95
CA HIS A 111 -2.67 -42.63 16.10
C HIS A 111 -2.88 -41.81 17.37
N GLU A 112 -2.29 -40.63 17.42
CA GLU A 112 -2.42 -39.76 18.58
C GLU A 112 -3.88 -39.44 18.86
N ASN A 113 -4.62 -39.10 17.81
CA ASN A 113 -6.04 -38.77 17.96
C ASN A 113 -6.82 -39.94 18.54
N ILE A 114 -6.62 -41.13 17.97
CA ILE A 114 -7.31 -42.32 18.43
C ILE A 114 -7.03 -42.57 19.91
N GLY A 115 -5.90 -42.06 20.39
CA GLY A 115 -5.53 -42.23 21.78
C GLY A 115 -6.58 -41.63 22.71
N ALA A 116 -7.28 -40.62 22.22
CA ALA A 116 -8.32 -39.96 23.01
C ALA A 116 -9.46 -40.93 23.31
N ALA A 117 -9.61 -41.94 22.47
CA ALA A 117 -10.66 -42.93 22.65
C ALA A 117 -10.60 -43.99 21.56
N GLY A 118 -9.70 -44.95 21.73
CA GLY A 118 -9.55 -46.03 20.76
C GLY A 118 -9.95 -47.37 21.38
N PHE A 119 -11.25 -47.54 21.62
CA PHE A 119 -11.75 -48.76 22.21
C PHE A 119 -13.17 -49.07 21.70
N LYS A 120 -13.25 -49.75 20.56
CA LYS A 120 -14.54 -50.08 19.98
C LYS A 120 -15.40 -50.84 20.99
N MET A 121 -15.97 -51.96 20.56
CA MET A 121 -16.81 -52.76 21.45
C MET A 121 -16.14 -54.09 21.76
N SER A 122 -16.41 -54.62 22.95
CA SER A 122 -15.83 -55.88 23.37
C SER A 122 -16.59 -57.06 22.77
N PRO A 123 -15.91 -58.15 22.53
CA PRO A 123 -16.54 -59.38 21.95
C PRO A 123 -17.48 -60.07 22.92
N MET A 1 51.47 36.30 38.96
CA MET A 1 51.45 36.92 40.33
C MET A 1 50.66 38.22 40.28
N SER A 2 49.52 38.20 39.60
CA SER A 2 48.68 39.37 39.50
C SER A 2 47.25 39.06 39.94
N THR A 3 46.46 40.12 40.12
CA THR A 3 45.07 39.95 40.55
C THR A 3 44.23 39.33 39.44
N LEU A 4 44.73 39.40 38.22
CA LEU A 4 44.01 38.84 37.08
C LEU A 4 44.07 37.32 37.09
N SER A 5 45.24 36.77 37.37
CA SER A 5 45.40 35.32 37.42
C SER A 5 44.67 34.74 38.63
N ASN A 6 44.78 35.42 39.77
CA ASN A 6 44.13 34.95 40.99
C ASN A 6 42.62 34.94 40.82
N PHE A 7 42.10 35.87 40.02
CA PHE A 7 40.67 35.95 39.78
C PHE A 7 40.17 34.71 39.06
N THR A 8 41.01 34.15 38.22
CA THR A 8 40.64 32.94 37.47
C THR A 8 40.17 31.84 38.41
N GLN A 9 40.85 31.71 39.54
CA GLN A 9 40.50 30.69 40.53
C GLN A 9 39.09 30.93 41.05
N THR A 10 38.75 32.19 41.30
CA THR A 10 37.43 32.54 41.80
C THR A 10 36.35 32.10 40.81
N LEU A 11 36.69 32.17 39.52
CA LEU A 11 35.75 31.77 38.48
C LEU A 11 35.40 30.29 38.61
N GLU A 12 36.40 29.49 38.99
CA GLU A 12 36.19 28.06 39.14
C GLU A 12 35.10 27.77 40.17
N ASP A 13 35.16 28.47 41.30
CA ASP A 13 34.17 28.28 42.36
C ASP A 13 32.79 28.72 41.89
N VAL A 14 32.75 29.79 41.10
CA VAL A 14 31.49 30.31 40.59
C VAL A 14 30.97 29.41 39.48
N PHE A 15 31.88 29.00 38.60
CA PHE A 15 31.52 28.13 37.49
C PHE A 15 31.22 26.73 38.02
N ARG A 16 31.93 26.34 39.07
CA ARG A 16 31.73 25.02 39.66
C ARG A 16 30.38 24.94 40.34
N ARG A 17 30.00 26.02 41.03
CA ARG A 17 28.72 26.07 41.72
C ARG A 17 27.59 26.26 40.71
N ILE A 18 27.81 27.16 39.76
CA ILE A 18 26.81 27.44 38.73
C ILE A 18 26.46 26.16 37.97
N PHE A 19 27.47 25.30 37.80
CA PHE A 19 27.27 24.03 37.10
C PHE A 19 26.47 23.09 37.97
N ILE A 20 26.90 22.92 39.21
CA ILE A 20 26.20 22.06 40.15
C ILE A 20 24.78 22.58 40.33
N THR A 21 24.66 23.89 40.48
CA THR A 21 23.36 24.53 40.64
C THR A 21 22.62 24.55 39.31
N TYR A 22 23.35 24.79 38.22
CA TYR A 22 22.72 24.83 36.90
C TYR A 22 22.00 23.52 36.64
N MET A 23 22.71 22.42 36.84
CA MET A 23 22.13 21.10 36.65
C MET A 23 21.07 20.83 37.70
N ASP A 24 21.21 21.47 38.85
CA ASP A 24 20.25 21.30 39.94
C ASP A 24 18.85 21.72 39.50
N ASN A 25 18.78 22.77 38.68
CA ASN A 25 17.50 23.27 38.20
C ASN A 25 16.87 22.29 37.23
N TRP A 26 17.68 21.74 36.32
CA TRP A 26 17.18 20.79 35.33
C TRP A 26 16.45 19.64 36.01
N ARG A 27 16.88 19.31 37.23
CA ARG A 27 16.24 18.22 37.98
C ARG A 27 14.76 18.49 38.20
N GLN A 28 14.38 19.77 38.18
CA GLN A 28 12.99 20.14 38.37
C GLN A 28 12.17 19.86 37.12
N ASN A 29 12.84 19.91 35.97
CA ASN A 29 12.16 19.65 34.70
C ASN A 29 11.45 18.31 34.75
N THR A 30 11.94 17.41 35.61
CA THR A 30 11.33 16.10 35.75
C THR A 30 9.89 16.21 36.23
N THR A 31 9.64 17.20 37.08
CA THR A 31 8.31 17.43 37.62
C THR A 31 7.33 17.70 36.49
N ALA A 32 7.73 18.59 35.57
CA ALA A 32 6.88 18.93 34.43
C ALA A 32 6.67 17.70 33.55
N GLU A 33 7.69 16.85 33.48
CA GLU A 33 7.61 15.65 32.67
C GLU A 33 6.39 14.82 33.07
N GLN A 34 6.15 14.74 34.38
CA GLN A 34 5.01 13.97 34.89
C GLN A 34 3.73 14.45 34.22
N GLU A 35 3.58 15.77 34.11
CA GLU A 35 2.40 16.34 33.47
C GLU A 35 2.40 16.01 31.99
N ALA A 36 3.55 16.20 31.35
CA ALA A 36 3.70 15.91 29.92
C ALA A 36 3.53 14.41 29.67
N LEU A 37 3.97 13.61 30.64
CA LEU A 37 3.87 12.16 30.53
C LEU A 37 2.45 11.76 30.16
N GLN A 38 1.47 12.44 30.75
CA GLN A 38 0.07 12.13 30.46
C GLN A 38 -0.16 12.18 28.95
N ALA A 39 0.57 13.04 28.27
CA ALA A 39 0.45 13.16 26.82
C ALA A 39 1.05 11.95 26.13
N LYS A 40 1.98 11.27 26.80
CA LYS A 40 2.61 10.09 26.24
C LYS A 40 1.66 8.91 26.24
N VAL A 41 0.42 9.16 26.67
CA VAL A 41 -0.58 8.10 26.73
C VAL A 41 -1.31 7.99 25.39
N ASP A 42 -0.53 7.90 24.31
CA ASP A 42 -1.12 7.79 22.98
C ASP A 42 -1.91 9.06 22.63
N ALA A 43 -2.06 9.93 23.62
CA ALA A 43 -2.79 11.17 23.41
C ALA A 43 -2.22 11.93 22.21
N GLU A 44 -0.90 12.01 22.14
CA GLU A 44 -0.25 12.71 21.05
C GLU A 44 -0.37 11.91 19.75
N ASN A 45 -0.26 10.60 19.85
CA ASN A 45 -0.38 9.73 18.68
C ASN A 45 0.47 10.27 17.53
N PHE A 46 1.40 11.17 17.86
CA PHE A 46 2.28 11.76 16.86
C PHE A 46 3.17 10.69 16.23
N TYR A 47 3.56 9.71 17.04
CA TYR A 47 4.43 8.64 16.55
C TYR A 47 3.66 7.70 15.63
N TYR A 48 2.38 7.49 15.92
CA TYR A 48 1.55 6.61 15.11
C TYR A 48 1.36 7.18 13.71
N VAL A 49 1.17 8.48 13.63
CA VAL A 49 0.97 9.14 12.34
C VAL A 49 2.24 9.06 11.49
N ILE A 50 3.39 9.22 12.12
CA ILE A 50 4.66 9.17 11.42
C ILE A 50 4.81 7.84 10.68
N LEU A 51 4.35 6.77 11.30
CA LEU A 51 4.44 5.45 10.70
C LEU A 51 3.45 5.30 9.55
N TYR A 52 2.25 5.84 9.73
CA TYR A 52 1.22 5.77 8.70
C TYR A 52 1.62 6.59 7.47
N LEU A 53 2.18 7.78 7.72
CA LEU A 53 2.59 8.65 6.63
C LEU A 53 3.67 7.98 5.78
N MET A 54 4.56 7.26 6.44
CA MET A 54 5.64 6.57 5.73
C MET A 54 5.07 5.51 4.78
N VAL A 55 4.02 4.84 5.22
CA VAL A 55 3.39 3.81 4.41
C VAL A 55 2.65 4.44 3.23
N MET A 56 1.55 5.15 3.53
CA MET A 56 0.77 5.78 2.48
C MET A 56 1.68 6.24 1.34
N ILE A 57 2.55 7.19 1.63
CA ILE A 57 3.48 7.70 0.63
C ILE A 57 4.30 6.56 0.06
N GLY A 58 4.73 5.65 0.93
CA GLY A 58 5.52 4.50 0.51
C GLY A 58 4.77 3.71 -0.55
N MET A 59 3.45 3.61 -0.38
CA MET A 59 2.62 2.87 -1.33
C MET A 59 2.60 3.59 -2.67
N PHE A 60 2.46 4.92 -2.62
CA PHE A 60 2.42 5.72 -3.83
C PHE A 60 3.73 5.60 -4.59
N SER A 61 4.84 5.70 -3.85
CA SER A 61 6.16 5.59 -4.46
C SER A 61 6.29 4.29 -5.24
N PHE A 62 5.62 3.25 -4.75
CA PHE A 62 5.66 1.96 -5.41
C PHE A 62 4.74 1.94 -6.63
N ILE A 63 3.60 2.62 -6.51
CA ILE A 63 2.64 2.67 -7.60
C ILE A 63 3.30 3.20 -8.87
N ILE A 64 4.03 4.30 -8.74
CA ILE A 64 4.71 4.90 -9.88
C ILE A 64 5.87 4.03 -10.34
N VAL A 65 6.48 3.32 -9.39
CA VAL A 65 7.60 2.45 -9.70
C VAL A 65 7.14 1.23 -10.51
N ALA A 66 6.03 0.64 -10.09
CA ALA A 66 5.50 -0.54 -10.77
C ALA A 66 5.21 -0.22 -12.23
N ILE A 67 4.71 0.98 -12.49
CA ILE A 67 4.39 1.39 -13.85
C ILE A 67 5.67 1.51 -14.69
N LEU A 68 6.69 2.14 -14.11
CA LEU A 68 7.95 2.31 -14.83
C LEU A 68 8.57 0.96 -15.16
N VAL A 69 8.59 0.06 -14.17
CA VAL A 69 9.16 -1.27 -14.38
C VAL A 69 8.38 -2.05 -15.44
N SER A 70 7.06 -1.89 -15.42
CA SER A 70 6.21 -2.57 -16.38
C SER A 70 6.43 -2.01 -17.78
N THR A 71 6.52 -0.70 -17.86
CA THR A 71 6.75 -0.04 -19.15
C THR A 71 8.20 -0.29 -19.59
N VAL A 72 9.09 -0.42 -18.61
CA VAL A 72 10.50 -0.66 -18.90
C VAL A 72 10.71 -2.10 -19.36
N LYS A 73 10.18 -3.04 -18.59
CA LYS A 73 10.31 -4.45 -18.93
C LYS A 73 9.51 -4.77 -20.18
N SER A 74 8.43 -4.03 -20.39
CA SER A 74 7.58 -4.24 -21.55
C SER A 74 8.40 -4.24 -22.83
N LYS A 75 9.55 -3.57 -22.78
CA LYS A 75 10.43 -3.49 -23.95
C LYS A 75 11.18 -4.80 -24.15
N ARG A 76 11.36 -5.55 -23.07
CA ARG A 76 12.06 -6.82 -23.15
C ARG A 76 11.25 -7.83 -23.96
N ARG A 77 10.03 -7.47 -24.31
CA ARG A 77 9.17 -8.35 -25.09
C ARG A 77 8.56 -7.59 -26.27
N GLU A 78 9.39 -7.33 -27.28
CA GLU A 78 8.92 -6.61 -28.46
C GLU A 78 7.93 -7.46 -29.25
N HIS A 79 6.87 -6.83 -29.74
CA HIS A 79 5.86 -7.53 -30.51
C HIS A 79 6.29 -7.66 -31.96
N SER A 80 6.33 -6.53 -32.66
CA SER A 80 6.74 -6.53 -34.06
C SER A 80 7.84 -5.50 -34.31
N ASN A 81 8.57 -5.15 -33.25
CA ASN A 81 9.65 -4.19 -33.36
C ASN A 81 9.12 -2.84 -33.85
N ASP A 82 7.86 -2.54 -33.53
CA ASP A 82 7.26 -1.29 -33.94
C ASP A 82 6.68 -0.56 -32.73
N PRO A 83 6.66 0.75 -32.77
CA PRO A 83 6.14 1.58 -31.65
C PRO A 83 4.64 1.37 -31.43
N TYR A 84 4.24 1.29 -30.16
CA TYR A 84 2.84 1.08 -29.83
C TYR A 84 2.18 2.41 -29.47
N HIS A 85 1.31 2.89 -30.36
CA HIS A 85 0.62 4.15 -30.13
C HIS A 85 -0.22 4.09 -28.85
N GLN A 86 -0.21 5.18 -28.08
CA GLN A 86 -0.98 5.23 -26.85
C GLN A 86 -2.47 5.32 -27.14
N TYR A 87 -2.80 5.80 -28.34
CA TYR A 87 -4.19 5.94 -28.74
C TYR A 87 -4.81 4.57 -28.98
N ILE A 88 -3.99 3.53 -28.93
CA ILE A 88 -4.48 2.18 -29.14
C ILE A 88 -5.55 1.81 -28.12
N VAL A 89 -5.45 2.40 -26.93
CA VAL A 89 -6.41 2.13 -25.87
C VAL A 89 -7.76 2.76 -26.21
N GLU A 90 -7.72 3.91 -26.87
CA GLU A 90 -8.95 4.60 -27.25
C GLU A 90 -9.55 3.99 -28.50
N ASP A 91 -8.69 3.45 -29.37
CA ASP A 91 -9.15 2.83 -30.61
C ASP A 91 -9.79 1.48 -30.35
N TRP A 92 -9.39 0.84 -29.26
CA TRP A 92 -9.96 -0.47 -28.91
C TRP A 92 -11.37 -0.33 -28.37
N GLN A 93 -11.58 0.68 -27.51
CA GLN A 93 -12.89 0.92 -26.93
C GLN A 93 -13.94 1.14 -28.03
N GLU A 94 -13.50 1.71 -29.14
CA GLU A 94 -14.42 1.97 -30.25
C GLU A 94 -14.72 0.67 -30.99
N LYS A 95 -13.68 -0.10 -31.26
CA LYS A 95 -13.84 -1.37 -31.96
C LYS A 95 -14.51 -2.38 -31.03
N TYR A 96 -14.35 -2.16 -29.73
CA TYR A 96 -14.95 -3.05 -28.74
C TYR A 96 -16.44 -2.78 -28.61
N LYS A 97 -16.84 -1.52 -28.79
CA LYS A 97 -18.24 -1.15 -28.70
C LYS A 97 -19.01 -1.62 -29.93
N SER A 98 -18.41 -1.42 -31.10
CA SER A 98 -19.05 -1.82 -32.35
C SER A 98 -19.44 -3.30 -32.30
N GLN A 99 -18.53 -4.13 -31.78
CA GLN A 99 -18.80 -5.56 -31.68
C GLN A 99 -20.08 -5.81 -30.89
N ILE A 100 -20.24 -5.09 -29.79
CA ILE A 100 -21.43 -5.24 -28.96
C ILE A 100 -22.68 -4.83 -29.74
N LEU A 101 -22.53 -3.84 -30.61
CA LEU A 101 -23.65 -3.36 -31.41
C LEU A 101 -24.20 -4.49 -32.28
N ASN A 102 -23.31 -5.35 -32.76
CA ASN A 102 -23.71 -6.48 -33.60
C ASN A 102 -24.46 -7.51 -32.76
N LEU A 103 -23.89 -7.86 -31.62
CA LEU A 103 -24.51 -8.85 -30.74
C LEU A 103 -25.98 -8.50 -30.50
N GLU A 104 -26.27 -7.22 -30.35
CA GLU A 104 -27.64 -6.77 -30.11
C GLU A 104 -28.51 -7.03 -31.34
N GLU A 105 -28.00 -6.67 -32.52
CA GLU A 105 -28.74 -6.87 -33.74
C GLU A 105 -29.10 -8.35 -33.93
N SER A 106 -28.16 -9.23 -33.58
CA SER A 106 -28.39 -10.67 -33.70
C SER A 106 -29.69 -11.06 -33.01
N LYS A 107 -29.97 -10.41 -31.88
CA LYS A 107 -31.18 -10.70 -31.13
C LYS A 107 -32.42 -10.53 -32.01
N ALA A 108 -32.37 -9.53 -32.89
CA ALA A 108 -33.50 -9.27 -33.79
C ALA A 108 -33.59 -10.35 -34.87
N THR A 109 -32.45 -10.71 -35.42
CA THR A 109 -32.41 -11.72 -36.47
C THR A 109 -32.89 -13.06 -35.94
N ILE A 110 -32.36 -13.48 -34.80
CA ILE A 110 -32.75 -14.75 -34.20
C ILE A 110 -34.21 -14.70 -33.76
N HIS A 111 -34.66 -13.53 -33.31
CA HIS A 111 -36.03 -13.38 -32.86
C HIS A 111 -37.00 -13.54 -34.04
N GLU A 112 -36.52 -13.19 -35.23
CA GLU A 112 -37.36 -13.30 -36.42
C GLU A 112 -37.63 -14.76 -36.75
N ASN A 113 -36.75 -15.64 -36.29
CA ASN A 113 -36.91 -17.07 -36.53
C ASN A 113 -38.07 -17.62 -35.72
N ILE A 114 -38.10 -17.30 -34.43
CA ILE A 114 -39.18 -17.78 -33.57
C ILE A 114 -40.46 -17.01 -33.83
N GLY A 115 -40.32 -15.73 -34.20
CA GLY A 115 -41.48 -14.89 -34.47
C GLY A 115 -42.23 -15.39 -35.71
N ALA A 116 -41.52 -16.14 -36.56
CA ALA A 116 -42.12 -16.67 -37.78
C ALA A 116 -43.31 -17.57 -37.44
N ALA A 117 -43.09 -18.50 -36.52
CA ALA A 117 -44.15 -19.42 -36.11
C ALA A 117 -43.62 -20.44 -35.11
N GLY A 118 -43.49 -20.01 -33.86
CA GLY A 118 -43.00 -20.90 -32.81
C GLY A 118 -44.15 -21.45 -31.98
N PHE A 119 -45.14 -22.03 -32.66
CA PHE A 119 -46.29 -22.59 -31.98
C PHE A 119 -46.72 -23.89 -32.64
N LYS A 120 -46.08 -24.98 -32.25
CA LYS A 120 -46.41 -26.29 -32.81
C LYS A 120 -45.90 -26.41 -34.24
N MET A 121 -46.69 -27.07 -35.09
CA MET A 121 -46.31 -27.25 -36.49
C MET A 121 -47.51 -26.96 -37.39
N SER A 122 -47.25 -26.81 -38.69
CA SER A 122 -48.31 -26.53 -39.64
C SER A 122 -49.24 -27.75 -39.77
N PRO A 123 -50.50 -27.50 -39.97
CA PRO A 123 -51.52 -28.60 -40.11
C PRO A 123 -51.31 -29.41 -41.39
N MET A 1 -14.59 -49.83 33.81
CA MET A 1 -13.95 -49.82 32.47
C MET A 1 -12.45 -50.01 32.61
N SER A 2 -11.68 -49.37 31.73
CA SER A 2 -10.23 -49.47 31.78
C SER A 2 -9.64 -48.44 32.72
N THR A 3 -8.81 -48.90 33.66
CA THR A 3 -8.19 -48.00 34.63
C THR A 3 -7.52 -46.82 33.90
N LEU A 4 -6.93 -47.11 32.75
CA LEU A 4 -6.26 -46.07 31.97
C LEU A 4 -7.20 -44.89 31.73
N SER A 5 -8.48 -45.19 31.57
CA SER A 5 -9.48 -44.15 31.32
C SER A 5 -9.77 -43.39 32.62
N ASN A 6 -9.86 -44.12 33.72
CA ASN A 6 -10.13 -43.51 35.02
C ASN A 6 -9.05 -42.49 35.36
N PHE A 7 -7.80 -42.85 35.11
CA PHE A 7 -6.69 -41.96 35.39
C PHE A 7 -6.80 -40.69 34.55
N THR A 8 -7.15 -40.84 33.29
CA THR A 8 -7.29 -39.69 32.39
C THR A 8 -8.33 -38.72 32.95
N GLN A 9 -9.36 -39.26 33.57
CA GLN A 9 -10.41 -38.41 34.14
C GLN A 9 -9.83 -37.55 35.26
N THR A 10 -8.99 -38.15 36.09
CA THR A 10 -8.38 -37.42 37.20
C THR A 10 -7.34 -36.44 36.66
N LEU A 11 -6.61 -36.86 35.63
CA LEU A 11 -5.59 -36.00 35.02
C LEU A 11 -6.23 -34.75 34.44
N GLU A 12 -7.36 -34.93 33.78
CA GLU A 12 -8.08 -33.81 33.17
C GLU A 12 -8.76 -32.96 34.25
N ASP A 13 -9.39 -33.63 35.20
CA ASP A 13 -10.08 -32.94 36.28
C ASP A 13 -9.12 -32.01 37.02
N VAL A 14 -7.89 -32.46 37.20
CA VAL A 14 -6.88 -31.65 37.89
C VAL A 14 -6.37 -30.57 36.95
N PHE A 15 -6.05 -30.97 35.73
CA PHE A 15 -5.58 -30.04 34.73
C PHE A 15 -6.65 -29.00 34.42
N ARG A 16 -7.91 -29.44 34.50
CA ARG A 16 -9.03 -28.54 34.23
C ARG A 16 -9.06 -27.41 35.26
N ARG A 17 -8.82 -27.76 36.52
CA ARG A 17 -8.82 -26.77 37.59
C ARG A 17 -7.53 -25.96 37.57
N ILE A 18 -6.42 -26.62 37.24
CA ILE A 18 -5.13 -25.96 37.18
C ILE A 18 -5.07 -24.93 36.07
N PHE A 19 -5.78 -25.22 34.98
CA PHE A 19 -5.82 -24.33 33.82
C PHE A 19 -6.61 -23.06 34.14
N ILE A 20 -7.82 -23.23 34.64
CA ILE A 20 -8.64 -22.10 35.02
C ILE A 20 -7.96 -21.38 36.17
N THR A 21 -7.36 -22.18 37.05
CA THR A 21 -6.65 -21.65 38.20
C THR A 21 -5.32 -21.05 37.74
N TYR A 22 -4.68 -21.72 36.76
CA TYR A 22 -3.41 -21.23 36.24
C TYR A 22 -3.60 -19.92 35.52
N MET A 23 -4.53 -19.92 34.57
CA MET A 23 -4.81 -18.71 33.80
C MET A 23 -5.33 -17.61 34.71
N ASP A 24 -5.95 -18.02 35.82
CA ASP A 24 -6.48 -17.05 36.76
C ASP A 24 -5.34 -16.25 37.41
N ASN A 25 -4.22 -16.91 37.63
CA ASN A 25 -3.07 -16.26 38.24
C ASN A 25 -2.52 -15.16 37.34
N TRP A 26 -2.47 -15.44 36.04
CA TRP A 26 -1.97 -14.47 35.08
C TRP A 26 -2.94 -13.31 34.93
N ARG A 27 -4.24 -13.61 35.08
CA ARG A 27 -5.26 -12.59 34.97
C ARG A 27 -4.92 -11.42 35.90
N GLN A 28 -4.19 -11.71 36.96
CA GLN A 28 -3.80 -10.68 37.92
C GLN A 28 -2.65 -9.85 37.36
N ASN A 29 -1.90 -10.45 36.44
CA ASN A 29 -0.77 -9.76 35.83
C ASN A 29 -1.20 -9.11 34.52
N THR A 30 -2.24 -9.67 33.90
CA THR A 30 -2.74 -9.14 32.64
C THR A 30 -3.43 -7.79 32.86
N THR A 31 -4.26 -7.72 33.89
CA THR A 31 -4.97 -6.47 34.19
C THR A 31 -3.98 -5.35 34.49
N ALA A 32 -2.96 -5.66 35.28
CA ALA A 32 -1.95 -4.66 35.63
C ALA A 32 -1.29 -4.11 34.37
N GLU A 33 -1.10 -4.96 33.37
CA GLU A 33 -0.46 -4.54 32.13
C GLU A 33 -1.39 -3.62 31.35
N GLN A 34 -2.65 -4.02 31.22
CA GLN A 34 -3.63 -3.23 30.48
C GLN A 34 -3.65 -1.79 31.02
N GLU A 35 -3.41 -1.65 32.32
CA GLU A 35 -3.40 -0.33 32.94
C GLU A 35 -2.19 0.46 32.48
N ALA A 36 -1.07 -0.22 32.30
CA ALA A 36 0.16 0.44 31.86
C ALA A 36 -0.02 1.01 30.46
N LEU A 37 -0.71 0.26 29.60
CA LEU A 37 -0.94 0.70 28.24
C LEU A 37 -1.97 1.84 28.21
N GLN A 38 -3.06 1.66 28.94
CA GLN A 38 -4.10 2.67 29.00
C GLN A 38 -3.64 3.89 29.79
N ALA A 39 -2.66 3.68 30.67
CA ALA A 39 -2.14 4.77 31.49
C ALA A 39 -1.55 5.85 30.61
N LYS A 40 -0.77 5.43 29.61
CA LYS A 40 -0.14 6.38 28.69
C LYS A 40 -0.95 6.48 27.41
N VAL A 41 -1.64 5.41 27.06
CA VAL A 41 -2.46 5.37 25.85
C VAL A 41 -1.94 6.37 24.81
N ASP A 42 -0.62 6.49 24.72
CA ASP A 42 0.00 7.41 23.77
C ASP A 42 -0.97 8.51 23.37
N ALA A 43 -1.05 9.55 24.20
CA ALA A 43 -1.94 10.66 23.91
C ALA A 43 -1.40 11.52 22.79
N GLU A 44 -0.12 11.31 22.45
CA GLU A 44 0.51 12.07 21.39
C GLU A 44 -0.16 11.78 20.05
N ASN A 45 -0.30 10.50 19.73
CA ASN A 45 -0.92 10.09 18.47
C ASN A 45 -0.04 10.47 17.29
N PHE A 46 0.88 11.41 17.51
CA PHE A 46 1.78 11.84 16.46
C PHE A 46 2.60 10.68 15.93
N TYR A 47 2.86 9.70 16.80
CA TYR A 47 3.63 8.53 16.42
C TYR A 47 2.82 7.61 15.52
N TYR A 48 1.50 7.61 15.71
CA TYR A 48 0.63 6.76 14.91
C TYR A 48 0.52 7.27 13.47
N VAL A 49 0.40 8.58 13.31
CA VAL A 49 0.28 9.16 11.98
C VAL A 49 1.63 9.16 11.26
N ILE A 50 2.69 9.53 11.97
CA ILE A 50 4.02 9.57 11.37
C ILE A 50 4.36 8.21 10.74
N LEU A 51 3.91 7.14 11.39
CA LEU A 51 4.17 5.80 10.89
C LEU A 51 3.30 5.51 9.67
N TYR A 52 2.02 5.87 9.76
CA TYR A 52 1.09 5.64 8.66
C TYR A 52 1.50 6.45 7.42
N LEU A 53 1.98 7.66 7.66
CA LEU A 53 2.40 8.53 6.56
C LEU A 53 3.60 7.95 5.84
N MET A 54 4.50 7.33 6.58
CA MET A 54 5.69 6.73 5.99
C MET A 54 5.33 5.67 4.95
N VAL A 55 4.48 4.74 5.34
CA VAL A 55 4.06 3.67 4.44
C VAL A 55 3.11 4.20 3.37
N MET A 56 2.57 5.39 3.61
CA MET A 56 1.64 6.00 2.66
C MET A 56 2.39 6.57 1.47
N ILE A 57 3.14 7.64 1.70
CA ILE A 57 3.92 8.27 0.64
C ILE A 57 4.80 7.25 -0.06
N GLY A 58 5.38 6.35 0.73
CA GLY A 58 6.25 5.31 0.18
C GLY A 58 5.48 4.42 -0.80
N MET A 59 4.29 4.00 -0.39
CA MET A 59 3.46 3.15 -1.23
C MET A 59 3.23 3.80 -2.60
N PHE A 60 2.99 5.11 -2.58
CA PHE A 60 2.76 5.85 -3.83
C PHE A 60 3.94 5.70 -4.76
N SER A 61 5.14 5.70 -4.19
CA SER A 61 6.36 5.57 -4.99
C SER A 61 6.52 4.12 -5.45
N PHE A 62 6.21 3.18 -4.57
CA PHE A 62 6.32 1.77 -4.91
C PHE A 62 5.42 1.42 -6.09
N ILE A 63 4.26 2.05 -6.13
CA ILE A 63 3.31 1.80 -7.21
C ILE A 63 3.80 2.43 -8.51
N ILE A 64 4.39 3.62 -8.41
CA ILE A 64 4.89 4.32 -9.58
C ILE A 64 6.06 3.56 -10.20
N VAL A 65 7.02 3.18 -9.37
CA VAL A 65 8.19 2.44 -9.85
C VAL A 65 7.81 1.02 -10.25
N ALA A 66 6.84 0.45 -9.55
CA ALA A 66 6.40 -0.91 -9.83
C ALA A 66 5.95 -1.05 -11.28
N ILE A 67 5.15 -0.11 -11.75
CA ILE A 67 4.65 -0.15 -13.12
C ILE A 67 5.75 0.27 -14.10
N LEU A 68 6.59 1.21 -13.68
CA LEU A 68 7.66 1.70 -14.54
C LEU A 68 8.61 0.56 -14.95
N VAL A 69 9.00 -0.26 -14.00
CA VAL A 69 9.91 -1.37 -14.29
C VAL A 69 9.24 -2.41 -15.19
N SER A 70 7.96 -2.65 -14.94
CA SER A 70 7.22 -3.62 -15.75
C SER A 70 7.00 -3.08 -17.15
N THR A 71 6.55 -1.83 -17.22
CA THR A 71 6.32 -1.18 -18.50
C THR A 71 7.63 -1.10 -19.28
N VAL A 72 8.73 -0.99 -18.53
CA VAL A 72 10.05 -0.90 -19.15
C VAL A 72 10.47 -2.25 -19.70
N LYS A 73 10.33 -3.28 -18.87
CA LYS A 73 10.68 -4.63 -19.29
C LYS A 73 9.77 -5.08 -20.42
N SER A 74 8.55 -4.57 -20.42
CA SER A 74 7.58 -4.93 -21.45
C SER A 74 8.03 -4.43 -22.82
N LYS A 75 8.65 -3.26 -22.85
CA LYS A 75 9.11 -2.68 -24.10
C LYS A 75 10.04 -3.64 -24.84
N ARG A 76 10.68 -4.53 -24.10
CA ARG A 76 11.59 -5.50 -24.69
C ARG A 76 10.88 -6.31 -25.77
N ARG A 77 9.72 -6.86 -25.42
CA ARG A 77 8.96 -7.66 -26.37
C ARG A 77 8.19 -6.77 -27.33
N GLU A 78 7.66 -5.66 -26.82
CA GLU A 78 6.89 -4.72 -27.64
C GLU A 78 6.32 -5.43 -28.87
N HIS A 79 5.80 -6.64 -28.66
CA HIS A 79 5.22 -7.39 -29.77
C HIS A 79 6.23 -7.56 -30.89
N SER A 80 5.82 -8.20 -31.98
CA SER A 80 6.70 -8.42 -33.12
C SER A 80 6.13 -7.77 -34.38
N ASN A 81 5.01 -7.08 -34.23
CA ASN A 81 4.38 -6.42 -35.36
C ASN A 81 3.34 -5.41 -34.89
N ASP A 82 2.13 -5.50 -35.42
CA ASP A 82 1.06 -4.59 -35.04
C ASP A 82 0.18 -5.22 -33.97
N PRO A 83 -0.35 -4.42 -33.08
CA PRO A 83 -1.23 -4.91 -31.98
C PRO A 83 -2.57 -5.43 -32.51
N TYR A 84 -3.02 -6.55 -31.98
CA TYR A 84 -4.28 -7.14 -32.41
C TYR A 84 -5.17 -7.46 -31.22
N HIS A 85 -6.28 -6.72 -31.10
CA HIS A 85 -7.23 -6.95 -30.00
C HIS A 85 -8.54 -7.51 -30.53
N GLN A 86 -8.43 -8.39 -31.52
CA GLN A 86 -9.61 -9.00 -32.13
C GLN A 86 -10.25 -10.02 -31.19
N TYR A 87 -9.44 -10.59 -30.30
CA TYR A 87 -9.95 -11.59 -29.37
C TYR A 87 -10.04 -11.01 -27.95
N ILE A 88 -9.30 -9.95 -27.70
CA ILE A 88 -9.31 -9.31 -26.39
C ILE A 88 -10.69 -8.76 -26.07
N VAL A 89 -11.48 -8.51 -27.11
CA VAL A 89 -12.83 -7.98 -26.93
C VAL A 89 -13.72 -9.01 -26.24
N GLU A 90 -13.43 -10.28 -26.47
CA GLU A 90 -14.22 -11.36 -25.87
C GLU A 90 -13.85 -11.53 -24.40
N ASP A 91 -12.57 -11.34 -24.09
CA ASP A 91 -12.10 -11.49 -22.72
C ASP A 91 -12.71 -10.42 -21.82
N TRP A 92 -12.86 -9.21 -22.37
CA TRP A 92 -13.43 -8.10 -21.62
C TRP A 92 -14.91 -8.31 -21.36
N GLN A 93 -15.61 -8.81 -22.37
CA GLN A 93 -17.05 -9.07 -22.25
C GLN A 93 -17.33 -10.07 -21.14
N GLU A 94 -16.34 -10.89 -20.82
CA GLU A 94 -16.51 -11.90 -19.76
C GLU A 94 -16.50 -11.22 -18.40
N LYS A 95 -15.53 -10.33 -18.19
CA LYS A 95 -15.42 -9.60 -16.93
C LYS A 95 -16.51 -8.54 -16.85
N TYR A 96 -16.97 -8.11 -18.02
CA TYR A 96 -18.01 -7.08 -18.09
C TYR A 96 -19.30 -7.56 -17.44
N LYS A 97 -19.45 -8.88 -17.33
CA LYS A 97 -20.65 -9.47 -16.73
C LYS A 97 -20.63 -9.30 -15.21
N SER A 98 -19.45 -9.46 -14.62
CA SER A 98 -19.31 -9.33 -13.17
C SER A 98 -19.88 -8.00 -12.69
N GLN A 99 -19.74 -6.97 -13.52
CA GLN A 99 -20.24 -5.64 -13.17
C GLN A 99 -21.76 -5.65 -13.05
N ILE A 100 -22.43 -6.29 -14.01
CA ILE A 100 -23.88 -6.35 -14.00
C ILE A 100 -24.39 -7.24 -12.86
N LEU A 101 -23.62 -8.28 -12.55
CA LEU A 101 -24.01 -9.20 -11.48
C LEU A 101 -24.15 -8.45 -10.16
N ASN A 102 -23.22 -7.56 -9.87
CA ASN A 102 -23.25 -6.80 -8.63
C ASN A 102 -24.59 -6.09 -8.46
N LEU A 103 -25.13 -5.59 -9.57
CA LEU A 103 -26.41 -4.89 -9.53
C LEU A 103 -27.54 -5.85 -9.21
N GLU A 104 -27.47 -7.06 -9.76
CA GLU A 104 -28.50 -8.07 -9.53
C GLU A 104 -28.70 -8.29 -8.03
N GLU A 105 -27.59 -8.35 -7.30
CA GLU A 105 -27.66 -8.56 -5.85
C GLU A 105 -28.49 -7.47 -5.18
N SER A 106 -28.31 -6.23 -5.64
CA SER A 106 -29.03 -5.11 -5.07
C SER A 106 -30.53 -5.25 -5.32
N LYS A 107 -30.88 -5.74 -6.49
CA LYS A 107 -32.29 -5.92 -6.85
C LYS A 107 -33.00 -6.76 -5.78
N ALA A 108 -32.33 -7.81 -5.32
CA ALA A 108 -32.92 -8.68 -4.30
C ALA A 108 -32.87 -8.02 -2.93
N THR A 109 -31.82 -7.24 -2.68
CA THR A 109 -31.67 -6.56 -1.41
C THR A 109 -32.82 -5.58 -1.19
N ILE A 110 -33.10 -4.75 -2.20
CA ILE A 110 -34.17 -3.78 -2.10
C ILE A 110 -35.53 -4.46 -2.04
N HIS A 111 -35.65 -5.59 -2.74
CA HIS A 111 -36.90 -6.33 -2.76
C HIS A 111 -37.28 -6.80 -1.34
N GLU A 112 -36.26 -7.18 -0.56
CA GLU A 112 -36.50 -7.64 0.80
C GLU A 112 -36.96 -6.49 1.68
N ASN A 113 -36.56 -5.28 1.32
CA ASN A 113 -36.94 -4.10 2.09
C ASN A 113 -38.43 -3.82 1.96
N ILE A 114 -38.99 -4.20 0.82
CA ILE A 114 -40.42 -3.99 0.57
C ILE A 114 -41.26 -4.74 1.60
N GLY A 115 -40.75 -5.89 2.05
CA GLY A 115 -41.46 -6.69 3.03
C GLY A 115 -41.69 -5.91 4.32
N ALA A 116 -40.73 -5.04 4.65
CA ALA A 116 -40.85 -4.24 5.85
C ALA A 116 -41.98 -3.22 5.72
N ALA A 117 -42.41 -2.98 4.50
CA ALA A 117 -43.49 -2.04 4.23
C ALA A 117 -44.77 -2.48 4.96
N GLY A 118 -44.71 -3.65 5.59
CA GLY A 118 -45.86 -4.17 6.32
C GLY A 118 -45.42 -4.92 7.56
N PHE A 119 -44.18 -4.67 7.98
CA PHE A 119 -43.64 -5.33 9.18
C PHE A 119 -42.64 -4.41 9.87
N LYS A 120 -43.15 -3.52 10.72
CA LYS A 120 -42.28 -2.59 11.44
C LYS A 120 -43.11 -1.80 12.47
N MET A 121 -44.16 -2.43 12.98
CA MET A 121 -45.02 -1.76 13.96
C MET A 121 -44.29 -1.63 15.30
N SER A 122 -44.64 -0.58 16.04
CA SER A 122 -44.01 -0.33 17.34
C SER A 122 -44.67 -1.20 18.42
N PRO A 123 -43.92 -1.57 19.42
CA PRO A 123 -44.43 -2.43 20.53
C PRO A 123 -45.39 -1.67 21.44
N MET A 1 45.41 -23.46 20.24
CA MET A 1 44.28 -24.10 20.95
C MET A 1 44.83 -24.96 22.11
N SER A 2 44.56 -24.52 23.33
CA SER A 2 45.02 -25.25 24.50
C SER A 2 43.85 -25.76 25.33
N THR A 3 44.12 -26.62 26.30
CA THR A 3 43.07 -27.18 27.14
C THR A 3 42.29 -26.05 27.80
N LEU A 4 42.97 -24.95 28.08
CA LEU A 4 42.32 -23.80 28.71
C LEU A 4 41.11 -23.37 27.90
N SER A 5 41.23 -23.43 26.58
CA SER A 5 40.14 -23.04 25.71
C SER A 5 38.93 -23.96 25.94
N ASN A 6 39.21 -25.25 26.09
CA ASN A 6 38.14 -26.22 26.33
C ASN A 6 37.36 -25.84 27.58
N PHE A 7 38.09 -25.44 28.62
CA PHE A 7 37.46 -25.04 29.87
C PHE A 7 36.57 -23.82 29.65
N THR A 8 37.01 -22.93 28.77
CA THR A 8 36.24 -21.73 28.46
C THR A 8 34.95 -22.09 27.74
N GLN A 9 34.99 -23.16 26.96
CA GLN A 9 33.81 -23.61 26.23
C GLN A 9 32.68 -23.96 27.20
N THR A 10 33.02 -24.73 28.23
CA THR A 10 32.04 -25.13 29.22
C THR A 10 31.43 -23.89 29.88
N LEU A 11 32.28 -22.97 30.30
CA LEU A 11 31.81 -21.75 30.94
C LEU A 11 30.90 -20.97 29.99
N GLU A 12 31.29 -20.92 28.72
CA GLU A 12 30.49 -20.21 27.72
C GLU A 12 29.12 -20.88 27.55
N ASP A 13 29.10 -22.20 27.66
CA ASP A 13 27.86 -22.95 27.53
C ASP A 13 26.85 -22.50 28.58
N VAL A 14 27.35 -22.22 29.78
CA VAL A 14 26.49 -21.77 30.87
C VAL A 14 26.14 -20.30 30.65
N PHE A 15 27.16 -19.51 30.31
CA PHE A 15 26.96 -18.10 30.05
C PHE A 15 26.07 -17.92 28.83
N ARG A 16 26.20 -18.83 27.88
CA ARG A 16 25.40 -18.77 26.66
C ARG A 16 23.93 -19.01 26.98
N ARG A 17 23.68 -19.93 27.91
CA ARG A 17 22.32 -20.25 28.32
C ARG A 17 21.78 -19.16 29.23
N ILE A 18 22.65 -18.61 30.06
CA ILE A 18 22.25 -17.55 30.99
C ILE A 18 21.83 -16.30 30.22
N PHE A 19 22.46 -16.08 29.07
CA PHE A 19 22.18 -14.92 28.23
C PHE A 19 20.79 -15.05 27.61
N ILE A 20 20.55 -16.18 26.95
CA ILE A 20 19.24 -16.41 26.34
C ILE A 20 18.21 -16.48 27.44
N THR A 21 18.61 -17.07 28.55
CA THR A 21 17.73 -17.20 29.71
C THR A 21 17.62 -15.85 30.41
N TYR A 22 18.75 -15.13 30.46
CA TYR A 22 18.73 -13.82 31.11
C TYR A 22 17.90 -12.84 30.30
N MET A 23 18.20 -12.75 29.01
CA MET A 23 17.47 -11.87 28.13
C MET A 23 16.00 -12.27 28.11
N ASP A 24 15.75 -13.55 28.35
CA ASP A 24 14.37 -14.06 28.35
C ASP A 24 13.56 -13.34 29.43
N ASN A 25 14.17 -13.13 30.58
CA ASN A 25 13.50 -12.45 31.69
C ASN A 25 13.01 -11.08 31.24
N TRP A 26 13.79 -10.43 30.38
CA TRP A 26 13.42 -9.11 29.88
C TRP A 26 12.06 -9.16 29.21
N ARG A 27 11.74 -10.31 28.62
CA ARG A 27 10.46 -10.49 27.94
C ARG A 27 9.30 -10.19 28.89
N GLN A 28 9.47 -10.54 30.16
CA GLN A 28 8.44 -10.31 31.16
C GLN A 28 8.32 -8.83 31.50
N ASN A 29 9.41 -8.09 31.31
CA ASN A 29 9.42 -6.68 31.62
C ASN A 29 8.80 -5.87 30.47
N THR A 30 8.63 -6.52 29.32
CA THR A 30 8.05 -5.86 28.16
C THR A 30 6.66 -5.31 28.50
N THR A 31 5.96 -5.99 29.40
CA THR A 31 4.63 -5.55 29.79
C THR A 31 4.69 -4.26 30.58
N ALA A 32 5.76 -4.09 31.36
CA ALA A 32 5.94 -2.89 32.17
C ALA A 32 6.22 -1.69 31.28
N GLU A 33 6.91 -1.92 30.18
CA GLU A 33 7.26 -0.84 29.25
C GLU A 33 5.99 -0.17 28.72
N GLN A 34 4.95 -0.97 28.52
CA GLN A 34 3.68 -0.46 28.02
C GLN A 34 3.18 0.70 28.89
N GLU A 35 3.31 0.54 30.20
CA GLU A 35 2.87 1.58 31.13
C GLU A 35 3.50 2.92 30.77
N ALA A 36 4.80 2.90 30.50
CA ALA A 36 5.51 4.13 30.14
C ALA A 36 4.85 4.80 28.94
N LEU A 37 4.30 3.99 28.05
CA LEU A 37 3.63 4.51 26.86
C LEU A 37 2.60 5.56 27.23
N GLN A 38 1.72 5.23 28.18
CA GLN A 38 0.69 6.16 28.60
C GLN A 38 1.30 7.33 29.36
N ALA A 39 2.49 7.12 29.92
CA ALA A 39 3.17 8.18 30.67
C ALA A 39 3.54 9.33 29.75
N LYS A 40 3.99 9.00 28.53
CA LYS A 40 4.36 10.02 27.56
C LYS A 40 3.15 10.47 26.76
N VAL A 41 2.00 9.84 27.03
CA VAL A 41 0.76 10.18 26.34
C VAL A 41 1.06 10.76 24.96
N ASP A 42 2.10 10.24 24.32
CA ASP A 42 2.48 10.71 22.99
C ASP A 42 2.09 12.17 22.80
N ALA A 43 2.68 13.04 23.63
CA ALA A 43 2.40 14.47 23.54
C ALA A 43 2.64 14.98 22.12
N GLU A 44 3.79 14.60 21.55
CA GLU A 44 4.13 15.02 20.20
C GLU A 44 3.15 14.42 19.19
N ASN A 45 2.74 13.18 19.43
CA ASN A 45 1.81 12.50 18.54
C ASN A 45 2.45 12.26 17.18
N PHE A 46 3.70 12.70 17.02
CA PHE A 46 4.41 12.53 15.76
C PHE A 46 4.52 11.05 15.41
N TYR A 47 4.60 10.21 16.44
CA TYR A 47 4.70 8.77 16.23
C TYR A 47 3.54 8.26 15.39
N TYR A 48 2.36 8.83 15.60
CA TYR A 48 1.18 8.43 14.85
C TYR A 48 1.28 8.87 13.39
N VAL A 49 1.84 10.06 13.17
CA VAL A 49 1.99 10.58 11.82
C VAL A 49 2.94 9.71 11.00
N ILE A 50 4.00 9.23 11.64
CA ILE A 50 4.97 8.38 10.97
C ILE A 50 4.32 7.09 10.49
N LEU A 51 3.42 6.55 11.30
CA LEU A 51 2.73 5.31 10.95
C LEU A 51 1.88 5.51 9.69
N TYR A 52 1.13 6.61 9.65
CA TYR A 52 0.28 6.91 8.51
C TYR A 52 1.14 7.29 7.30
N LEU A 53 2.18 8.08 7.55
CA LEU A 53 3.06 8.52 6.48
C LEU A 53 3.82 7.34 5.88
N MET A 54 4.17 6.38 6.72
CA MET A 54 4.89 5.19 6.26
C MET A 54 4.02 4.38 5.31
N VAL A 55 2.78 4.12 5.72
CA VAL A 55 1.85 3.35 4.90
C VAL A 55 1.73 3.97 3.51
N MET A 56 1.11 5.15 3.45
CA MET A 56 0.93 5.84 2.17
C MET A 56 2.19 5.75 1.33
N ILE A 57 3.34 6.00 1.96
CA ILE A 57 4.61 5.94 1.26
C ILE A 57 4.77 4.61 0.53
N GLY A 58 4.40 3.53 1.21
CA GLY A 58 4.50 2.21 0.62
C GLY A 58 3.50 2.05 -0.53
N MET A 59 2.28 2.53 -0.32
CA MET A 59 1.25 2.45 -1.34
C MET A 59 1.63 3.30 -2.56
N PHE A 60 2.14 4.49 -2.28
CA PHE A 60 2.53 5.40 -3.36
C PHE A 60 3.77 4.87 -4.09
N SER A 61 4.69 4.28 -3.33
CA SER A 61 5.92 3.75 -3.92
C SER A 61 5.60 2.55 -4.81
N PHE A 62 4.60 1.78 -4.43
CA PHE A 62 4.21 0.60 -5.20
C PHE A 62 3.67 1.02 -6.57
N ILE A 63 2.90 2.09 -6.60
CA ILE A 63 2.34 2.58 -7.86
C ILE A 63 3.45 2.88 -8.86
N ILE A 64 4.44 3.64 -8.41
CA ILE A 64 5.57 4.00 -9.26
C ILE A 64 6.31 2.74 -9.71
N VAL A 65 6.30 1.73 -8.85
CA VAL A 65 6.97 0.46 -9.15
C VAL A 65 6.20 -0.30 -10.23
N ALA A 66 4.89 -0.36 -10.08
CA ALA A 66 4.05 -1.07 -11.05
C ALA A 66 4.28 -0.55 -12.46
N ILE A 67 4.30 0.76 -12.62
CA ILE A 67 4.52 1.36 -13.94
C ILE A 67 5.93 1.10 -14.45
N LEU A 68 6.90 1.14 -13.55
CA LEU A 68 8.29 0.90 -13.92
C LEU A 68 8.44 -0.46 -14.60
N VAL A 69 7.77 -1.46 -14.06
CA VAL A 69 7.83 -2.81 -14.62
C VAL A 69 7.25 -2.81 -16.04
N SER A 70 6.18 -2.05 -16.24
CA SER A 70 5.54 -1.96 -17.54
C SER A 70 6.44 -1.22 -18.52
N THR A 71 6.95 -0.08 -18.07
CA THR A 71 7.84 0.72 -18.90
C THR A 71 9.13 -0.04 -19.15
N VAL A 72 9.51 -0.86 -18.18
CA VAL A 72 10.73 -1.66 -18.28
C VAL A 72 10.53 -2.79 -19.29
N LYS A 73 9.43 -3.51 -19.13
CA LYS A 73 9.12 -4.61 -20.03
C LYS A 73 8.76 -4.08 -21.41
N SER A 74 8.20 -2.87 -21.44
CA SER A 74 7.81 -2.25 -22.71
C SER A 74 9.04 -1.83 -23.50
N LYS A 75 9.97 -1.15 -22.85
CA LYS A 75 11.18 -0.70 -23.51
C LYS A 75 11.94 -1.88 -24.11
N ARG A 76 12.12 -2.93 -23.31
CA ARG A 76 12.82 -4.11 -23.76
C ARG A 76 12.17 -4.69 -25.02
N ARG A 77 10.90 -4.35 -25.23
CA ARG A 77 10.19 -4.85 -26.40
C ARG A 77 10.47 -6.33 -26.62
N GLU A 78 9.94 -7.17 -25.74
CA GLU A 78 10.16 -8.62 -25.85
C GLU A 78 9.61 -9.33 -24.62
N HIS A 79 9.37 -10.63 -24.76
CA HIS A 79 8.84 -11.42 -23.65
C HIS A 79 9.89 -12.40 -23.13
N SER A 80 10.73 -11.94 -22.22
CA SER A 80 11.77 -12.79 -21.65
C SER A 80 11.92 -12.52 -20.16
N ASN A 81 12.66 -13.39 -19.47
CA ASN A 81 12.86 -13.24 -18.03
C ASN A 81 14.00 -12.26 -17.75
N ASP A 82 13.71 -11.27 -16.91
CA ASP A 82 14.72 -10.28 -16.56
C ASP A 82 15.36 -10.61 -15.21
N PRO A 83 16.60 -10.26 -15.04
CA PRO A 83 17.35 -10.53 -13.78
C PRO A 83 16.77 -9.77 -12.59
N TYR A 84 16.82 -10.38 -11.42
CA TYR A 84 16.30 -9.75 -10.22
C TYR A 84 17.42 -9.14 -9.38
N HIS A 85 17.43 -7.81 -9.30
CA HIS A 85 18.46 -7.11 -8.53
C HIS A 85 19.85 -7.43 -9.07
N GLN A 86 20.10 -7.03 -10.31
CA GLN A 86 21.41 -7.27 -10.93
C GLN A 86 22.49 -6.51 -10.19
N TYR A 87 22.10 -5.41 -9.54
CA TYR A 87 23.06 -4.60 -8.79
C TYR A 87 23.40 -5.28 -7.47
N ILE A 88 22.88 -6.49 -7.27
CA ILE A 88 23.13 -7.22 -6.04
C ILE A 88 24.63 -7.45 -5.85
N VAL A 89 25.35 -7.65 -6.94
CA VAL A 89 26.77 -7.87 -6.88
C VAL A 89 27.49 -6.63 -6.35
N GLU A 90 27.03 -5.46 -6.79
CA GLU A 90 27.63 -4.20 -6.35
C GLU A 90 27.15 -3.85 -4.94
N ASP A 91 25.90 -4.17 -4.65
CA ASP A 91 25.33 -3.87 -3.34
C ASP A 91 26.20 -4.45 -2.22
N TRP A 92 26.68 -5.67 -2.43
CA TRP A 92 27.53 -6.33 -1.44
C TRP A 92 28.93 -5.72 -1.43
N GLN A 93 29.48 -5.50 -2.62
CA GLN A 93 30.81 -4.91 -2.74
C GLN A 93 30.82 -3.50 -2.15
N GLU A 94 29.67 -2.84 -2.25
CA GLU A 94 29.54 -1.48 -1.71
C GLU A 94 29.44 -1.52 -0.20
N LYS A 95 28.66 -2.47 0.30
CA LYS A 95 28.49 -2.63 1.74
C LYS A 95 29.74 -3.25 2.35
N TYR A 96 30.49 -3.98 1.52
CA TYR A 96 31.72 -4.63 1.98
C TYR A 96 32.73 -3.58 2.44
N LYS A 97 32.59 -2.37 1.93
CA LYS A 97 33.50 -1.29 2.29
C LYS A 97 33.30 -0.88 3.75
N SER A 98 32.04 -0.77 4.16
CA SER A 98 31.72 -0.38 5.53
C SER A 98 32.15 -1.46 6.52
N GLN A 99 32.08 -2.71 6.08
CA GLN A 99 32.44 -3.84 6.93
C GLN A 99 33.87 -3.69 7.47
N ILE A 100 34.77 -3.19 6.61
CA ILE A 100 36.15 -3.01 7.02
C ILE A 100 36.27 -1.96 8.11
N LEU A 101 35.43 -0.92 8.02
CA LEU A 101 35.46 0.15 9.02
C LEU A 101 35.30 -0.41 10.43
N ASN A 102 34.37 -1.35 10.59
CA ASN A 102 34.12 -1.95 11.90
C ASN A 102 35.37 -2.66 12.41
N LEU A 103 36.14 -3.24 11.49
CA LEU A 103 37.36 -3.95 11.87
C LEU A 103 38.20 -3.10 12.82
N GLU A 104 38.33 -1.82 12.50
CA GLU A 104 39.10 -0.91 13.34
C GLU A 104 38.53 -0.89 14.76
N GLU A 105 37.21 -1.02 14.86
CA GLU A 105 36.56 -1.03 16.16
C GLU A 105 37.11 -2.14 17.04
N SER A 106 37.37 -3.28 16.42
CA SER A 106 37.90 -4.43 17.15
C SER A 106 39.14 -4.02 17.94
N LYS A 107 39.94 -3.14 17.37
CA LYS A 107 41.15 -2.67 18.04
C LYS A 107 40.78 -1.93 19.32
N ALA A 108 39.75 -1.11 19.24
CA ALA A 108 39.29 -0.36 20.40
C ALA A 108 38.69 -1.29 21.44
N THR A 109 38.00 -2.33 20.97
CA THR A 109 37.39 -3.29 21.87
C THR A 109 38.47 -4.01 22.67
N ILE A 110 39.58 -4.33 22.01
CA ILE A 110 40.68 -5.00 22.68
C ILE A 110 41.14 -4.18 23.89
N HIS A 111 41.22 -2.87 23.71
CA HIS A 111 41.63 -1.98 24.78
C HIS A 111 40.60 -1.99 25.91
N GLU A 112 39.34 -2.22 25.53
CA GLU A 112 38.26 -2.26 26.51
C GLU A 112 38.35 -3.52 27.35
N ASN A 113 38.91 -4.58 26.77
CA ASN A 113 39.05 -5.85 27.47
C ASN A 113 39.98 -5.70 28.67
N ILE A 114 41.10 -5.01 28.46
CA ILE A 114 42.06 -4.81 29.55
C ILE A 114 41.50 -3.84 30.57
N GLY A 115 40.74 -2.85 30.09
CA GLY A 115 40.14 -1.86 30.99
C GLY A 115 39.00 -2.47 31.79
N ALA A 116 38.54 -3.64 31.36
CA ALA A 116 37.46 -4.33 32.04
C ALA A 116 37.82 -4.60 33.49
N ALA A 117 39.11 -4.76 33.76
CA ALA A 117 39.58 -5.03 35.11
C ALA A 117 40.43 -3.86 35.62
N GLY A 118 41.42 -3.48 34.83
CA GLY A 118 42.31 -2.39 35.19
C GLY A 118 43.76 -2.72 34.86
N PHE A 119 44.25 -3.82 35.44
CA PHE A 119 45.62 -4.25 35.20
C PHE A 119 45.74 -5.76 35.38
N LYS A 120 45.43 -6.50 34.33
CA LYS A 120 45.50 -7.96 34.39
C LYS A 120 46.90 -8.42 34.82
N MET A 121 46.95 -9.27 35.83
CA MET A 121 48.22 -9.78 36.32
C MET A 121 48.66 -11.01 35.54
N SER A 122 49.87 -10.96 34.99
CA SER A 122 50.40 -12.07 34.23
C SER A 122 50.77 -13.23 35.15
N PRO A 123 50.67 -14.44 34.67
CA PRO A 123 51.00 -15.66 35.45
C PRO A 123 52.23 -15.45 36.33
N MET A 1 -52.27 -1.84 -15.36
CA MET A 1 -51.67 -2.93 -14.55
C MET A 1 -51.54 -4.20 -15.38
N SER A 2 -50.33 -4.73 -15.49
CA SER A 2 -50.09 -5.94 -16.27
C SER A 2 -49.87 -7.13 -15.34
N THR A 3 -50.32 -8.30 -15.77
CA THR A 3 -50.17 -9.51 -14.97
C THR A 3 -48.72 -9.67 -14.53
N LEU A 4 -47.81 -9.00 -15.22
CA LEU A 4 -46.39 -9.07 -14.90
C LEU A 4 -46.16 -8.67 -13.45
N SER A 5 -46.87 -7.64 -13.01
CA SER A 5 -46.73 -7.16 -11.64
C SER A 5 -47.06 -8.28 -10.65
N ASN A 6 -48.04 -9.10 -11.02
CA ASN A 6 -48.45 -10.21 -10.16
C ASN A 6 -47.35 -11.28 -10.10
N PHE A 7 -46.67 -11.46 -11.23
CA PHE A 7 -45.59 -12.44 -11.29
C PHE A 7 -44.39 -11.97 -10.49
N THR A 8 -44.26 -10.66 -10.35
CA THR A 8 -43.16 -10.09 -9.58
C THR A 8 -43.23 -10.51 -8.12
N GLN A 9 -44.44 -10.68 -7.62
CA GLN A 9 -44.64 -11.09 -6.24
C GLN A 9 -43.90 -12.40 -5.96
N THR A 10 -44.02 -13.34 -6.88
CA THR A 10 -43.36 -14.64 -6.74
C THR A 10 -41.85 -14.48 -6.88
N LEU A 11 -41.45 -13.62 -7.82
CA LEU A 11 -40.02 -13.38 -8.04
C LEU A 11 -39.38 -12.81 -6.79
N GLU A 12 -40.06 -11.86 -6.16
CA GLU A 12 -39.54 -11.24 -4.94
C GLU A 12 -39.26 -12.31 -3.88
N ASP A 13 -40.11 -13.33 -3.85
CA ASP A 13 -39.96 -14.41 -2.89
C ASP A 13 -38.60 -15.09 -3.08
N VAL A 14 -38.21 -15.26 -4.33
CA VAL A 14 -36.93 -15.88 -4.65
C VAL A 14 -35.81 -14.88 -4.43
N PHE A 15 -36.00 -13.68 -4.94
CA PHE A 15 -35.01 -12.62 -4.79
C PHE A 15 -34.79 -12.34 -3.32
N ARG A 16 -35.86 -12.48 -2.53
CA ARG A 16 -35.78 -12.24 -1.10
C ARG A 16 -34.69 -13.10 -0.48
N ARG A 17 -34.64 -14.38 -0.88
CA ARG A 17 -33.64 -15.30 -0.36
C ARG A 17 -32.28 -15.06 -1.02
N ILE A 18 -32.30 -14.72 -2.31
CA ILE A 18 -31.05 -14.47 -3.02
C ILE A 18 -30.33 -13.24 -2.45
N PHE A 19 -31.10 -12.27 -1.98
CA PHE A 19 -30.54 -11.06 -1.40
C PHE A 19 -29.92 -11.38 -0.05
N ILE A 20 -30.69 -12.03 0.81
CA ILE A 20 -30.18 -12.42 2.11
C ILE A 20 -29.01 -13.37 1.90
N THR A 21 -29.17 -14.26 0.93
CA THR A 21 -28.14 -15.22 0.60
C THR A 21 -27.01 -14.55 -0.16
N TYR A 22 -27.35 -13.60 -1.03
CA TYR A 22 -26.32 -12.89 -1.79
C TYR A 22 -25.58 -11.91 -0.90
N MET A 23 -26.34 -11.05 -0.24
CA MET A 23 -25.76 -10.06 0.66
C MET A 23 -24.97 -10.77 1.75
N ASP A 24 -25.37 -12.00 2.06
CA ASP A 24 -24.69 -12.77 3.10
C ASP A 24 -23.21 -12.90 2.78
N ASN A 25 -22.89 -13.23 1.54
CA ASN A 25 -21.50 -13.37 1.11
C ASN A 25 -20.75 -12.08 1.39
N TRP A 26 -21.43 -10.96 1.22
CA TRP A 26 -20.81 -9.65 1.45
C TRP A 26 -20.23 -9.59 2.87
N ARG A 27 -20.86 -10.30 3.79
CA ARG A 27 -20.40 -10.32 5.17
C ARG A 27 -18.93 -10.73 5.25
N GLN A 28 -18.50 -11.55 4.29
CA GLN A 28 -17.12 -12.01 4.25
C GLN A 28 -16.20 -10.88 3.83
N ASN A 29 -16.75 -9.89 3.13
CA ASN A 29 -15.96 -8.75 2.67
C ASN A 29 -16.00 -7.63 3.72
N THR A 30 -16.93 -7.74 4.66
CA THR A 30 -17.06 -6.73 5.70
C THR A 30 -15.90 -6.85 6.70
N THR A 31 -15.40 -8.06 6.88
CA THR A 31 -14.30 -8.28 7.80
C THR A 31 -13.13 -7.35 7.48
N ALA A 32 -12.90 -7.12 6.18
CA ALA A 32 -11.83 -6.25 5.75
C ALA A 32 -11.97 -4.87 6.38
N GLU A 33 -13.21 -4.41 6.50
CA GLU A 33 -13.49 -3.11 7.09
C GLU A 33 -12.84 -3.01 8.47
N GLN A 34 -12.82 -4.13 9.19
CA GLN A 34 -12.24 -4.16 10.52
C GLN A 34 -10.78 -3.73 10.46
N GLU A 35 -10.09 -4.09 9.38
CA GLU A 35 -8.70 -3.73 9.21
C GLU A 35 -8.49 -2.23 9.38
N ALA A 36 -9.37 -1.44 8.74
CA ALA A 36 -9.28 0.01 8.83
C ALA A 36 -9.31 0.46 10.29
N LEU A 37 -10.10 -0.23 11.10
CA LEU A 37 -10.21 0.11 12.52
C LEU A 37 -8.94 -0.27 13.26
N GLN A 38 -8.48 -1.50 13.05
CA GLN A 38 -7.26 -1.97 13.72
C GLN A 38 -6.09 -1.03 13.42
N ALA A 39 -6.18 -0.33 12.30
CA ALA A 39 -5.12 0.60 11.90
C ALA A 39 -5.13 1.84 12.79
N LYS A 40 -6.32 2.30 13.16
CA LYS A 40 -6.44 3.49 14.01
C LYS A 40 -6.49 3.11 15.48
N VAL A 41 -7.03 1.92 15.78
CA VAL A 41 -7.14 1.47 17.16
C VAL A 41 -6.04 2.10 18.02
N ASP A 42 -4.85 2.24 17.45
CA ASP A 42 -3.74 2.84 18.16
C ASP A 42 -3.79 4.35 18.08
N ALA A 43 -4.96 4.91 18.36
CA ALA A 43 -5.15 6.36 18.31
C ALA A 43 -4.34 7.04 19.40
N GLU A 44 -4.16 6.34 20.52
CA GLU A 44 -3.41 6.90 21.65
C GLU A 44 -1.97 7.16 21.24
N ASN A 45 -1.46 6.37 20.31
CA ASN A 45 -0.09 6.53 19.84
C ASN A 45 -0.02 7.58 18.73
N PHE A 46 -0.08 8.85 19.11
CA PHE A 46 -0.03 9.93 18.13
C PHE A 46 1.20 9.78 17.23
N TYR A 47 2.27 9.24 17.80
CA TYR A 47 3.50 9.04 17.03
C TYR A 47 3.23 8.21 15.78
N TYR A 48 2.18 7.41 15.84
CA TYR A 48 1.80 6.56 14.71
C TYR A 48 1.38 7.42 13.52
N VAL A 49 0.90 8.63 13.81
CA VAL A 49 0.46 9.55 12.77
C VAL A 49 1.61 9.87 11.82
N ILE A 50 2.78 10.16 12.38
CA ILE A 50 3.94 10.47 11.56
C ILE A 50 4.50 9.22 10.91
N LEU A 51 4.33 8.08 11.59
CA LEU A 51 4.83 6.81 11.08
C LEU A 51 4.04 6.38 9.84
N TYR A 52 2.74 6.65 9.85
CA TYR A 52 1.88 6.28 8.73
C TYR A 52 2.18 7.16 7.52
N LEU A 53 2.39 8.45 7.76
CA LEU A 53 2.68 9.39 6.68
C LEU A 53 3.85 8.89 5.84
N MET A 54 4.87 8.36 6.51
CA MET A 54 6.05 7.85 5.81
C MET A 54 5.69 6.65 4.94
N VAL A 55 4.70 5.88 5.38
CA VAL A 55 4.28 4.70 4.64
C VAL A 55 3.44 5.11 3.43
N MET A 56 2.81 6.28 3.52
CA MET A 56 1.97 6.77 2.42
C MET A 56 2.83 7.09 1.20
N ILE A 57 3.79 8.00 1.37
CA ILE A 57 4.66 8.37 0.28
C ILE A 57 5.31 7.15 -0.35
N GLY A 58 5.76 6.23 0.49
CA GLY A 58 6.39 5.01 0.01
C GLY A 58 5.46 4.22 -0.88
N MET A 59 4.17 4.22 -0.54
CA MET A 59 3.17 3.49 -1.33
C MET A 59 3.09 4.05 -2.74
N PHE A 60 3.07 5.37 -2.85
CA PHE A 60 3.00 6.02 -4.16
C PHE A 60 4.15 5.57 -5.04
N SER A 61 5.32 5.41 -4.44
CA SER A 61 6.50 4.97 -5.19
C SER A 61 6.40 3.49 -5.54
N PHE A 62 5.75 2.72 -4.66
CA PHE A 62 5.60 1.29 -4.88
C PHE A 62 4.74 1.02 -6.12
N ILE A 63 3.61 1.71 -6.22
CA ILE A 63 2.73 1.53 -7.37
C ILE A 63 3.29 2.22 -8.61
N ILE A 64 3.66 3.49 -8.46
CA ILE A 64 4.21 4.25 -9.58
C ILE A 64 5.37 3.50 -10.23
N VAL A 65 6.37 3.13 -9.43
CA VAL A 65 7.52 2.41 -9.95
C VAL A 65 7.07 1.12 -10.62
N ALA A 66 5.98 0.54 -10.12
CA ALA A 66 5.45 -0.70 -10.69
C ALA A 66 5.19 -0.53 -12.17
N ILE A 67 4.54 0.57 -12.54
CA ILE A 67 4.22 0.85 -13.93
C ILE A 67 5.50 1.02 -14.75
N LEU A 68 6.48 1.69 -14.16
CA LEU A 68 7.75 1.91 -14.85
C LEU A 68 8.35 0.59 -15.30
N VAL A 69 8.28 -0.41 -14.43
CA VAL A 69 8.82 -1.74 -14.75
C VAL A 69 8.08 -2.34 -15.94
N SER A 70 6.77 -2.12 -15.98
CA SER A 70 5.94 -2.64 -17.07
C SER A 70 6.27 -1.90 -18.35
N THR A 71 6.32 -0.57 -18.26
CA THR A 71 6.64 0.26 -19.41
C THR A 71 8.07 -0.02 -19.85
N VAL A 72 8.92 -0.35 -18.88
CA VAL A 72 10.31 -0.65 -19.17
C VAL A 72 10.44 -2.02 -19.80
N LYS A 73 9.81 -3.01 -19.16
CA LYS A 73 9.83 -4.37 -19.67
C LYS A 73 9.06 -4.46 -20.97
N SER A 74 8.06 -3.61 -21.10
CA SER A 74 7.23 -3.59 -22.31
C SER A 74 8.09 -3.34 -23.54
N LYS A 75 9.26 -2.74 -23.32
CA LYS A 75 10.17 -2.45 -24.43
C LYS A 75 10.68 -3.74 -25.06
N ARG A 76 11.20 -4.63 -24.23
CA ARG A 76 11.72 -5.91 -24.71
C ARG A 76 10.63 -6.66 -25.47
N ARG A 77 9.39 -6.54 -24.99
CA ARG A 77 8.26 -7.20 -25.62
C ARG A 77 8.36 -8.72 -25.49
N GLU A 78 9.51 -9.27 -25.86
CA GLU A 78 9.73 -10.71 -25.77
C GLU A 78 10.88 -11.03 -24.83
N HIS A 79 11.16 -12.33 -24.67
CA HIS A 79 12.24 -12.75 -23.79
C HIS A 79 13.60 -12.46 -24.44
N SER A 80 13.72 -11.29 -25.03
CA SER A 80 14.97 -10.89 -25.67
C SER A 80 16.17 -11.39 -24.88
N ASN A 81 17.30 -11.57 -25.57
CA ASN A 81 18.51 -12.05 -24.90
C ASN A 81 19.51 -10.90 -24.73
N ASP A 82 19.40 -10.20 -23.61
CA ASP A 82 20.31 -9.08 -23.34
C ASP A 82 21.13 -9.35 -22.08
N PRO A 83 22.41 -9.09 -22.12
CA PRO A 83 23.31 -9.32 -20.95
C PRO A 83 23.13 -8.26 -19.86
N TYR A 84 22.95 -8.71 -18.62
CA TYR A 84 22.77 -7.80 -17.50
C TYR A 84 23.94 -7.92 -16.53
N HIS A 85 24.64 -6.82 -16.31
CA HIS A 85 25.78 -6.82 -15.40
C HIS A 85 25.67 -5.69 -14.39
N GLN A 86 24.86 -4.68 -14.71
CA GLN A 86 24.68 -3.55 -13.82
C GLN A 86 24.31 -4.02 -12.41
N TYR A 87 23.72 -5.21 -12.34
CA TYR A 87 23.33 -5.78 -11.05
C TYR A 87 24.55 -6.25 -10.27
N ILE A 88 25.73 -6.04 -10.85
CA ILE A 88 26.97 -6.46 -10.20
C ILE A 88 27.26 -5.57 -8.99
N VAL A 89 26.65 -4.40 -8.94
CA VAL A 89 26.85 -3.49 -7.83
C VAL A 89 26.44 -4.14 -6.51
N GLU A 90 25.36 -4.91 -6.56
CA GLU A 90 24.86 -5.59 -5.37
C GLU A 90 25.75 -6.79 -5.03
N ASP A 91 26.19 -7.51 -6.06
CA ASP A 91 27.04 -8.67 -5.86
C ASP A 91 28.37 -8.28 -5.22
N TRP A 92 28.77 -7.02 -5.43
CA TRP A 92 30.02 -6.53 -4.86
C TRP A 92 29.98 -6.65 -3.33
N GLN A 93 28.87 -6.26 -2.74
CA GLN A 93 28.73 -6.34 -1.29
C GLN A 93 28.75 -7.79 -0.83
N GLU A 94 28.24 -8.67 -1.68
CA GLU A 94 28.22 -10.09 -1.37
C GLU A 94 29.60 -10.70 -1.53
N LYS A 95 30.25 -10.36 -2.64
CA LYS A 95 31.60 -10.86 -2.91
C LYS A 95 32.63 -10.12 -2.05
N TYR A 96 32.26 -8.91 -1.65
CA TYR A 96 33.15 -8.10 -0.82
C TYR A 96 33.25 -8.66 0.60
N LYS A 97 32.13 -9.17 1.10
CA LYS A 97 32.10 -9.74 2.44
C LYS A 97 32.95 -11.01 2.51
N SER A 98 32.97 -11.76 1.41
CA SER A 98 33.74 -13.00 1.34
C SER A 98 35.24 -12.71 1.25
N GLN A 99 35.58 -11.62 0.58
CA GLN A 99 36.99 -11.25 0.40
C GLN A 99 37.69 -11.08 1.75
N ILE A 100 37.03 -10.39 2.68
CA ILE A 100 37.61 -10.15 4.00
C ILE A 100 37.56 -11.42 4.85
N LEU A 101 36.52 -12.21 4.67
CA LEU A 101 36.37 -13.44 5.44
C LEU A 101 37.53 -14.40 5.17
N ASN A 102 37.94 -14.49 3.91
CA ASN A 102 39.03 -15.38 3.53
C ASN A 102 40.31 -15.00 4.25
N LEU A 103 40.48 -13.71 4.52
CA LEU A 103 41.67 -13.23 5.21
C LEU A 103 41.83 -13.90 6.58
N GLU A 104 40.70 -14.14 7.25
CA GLU A 104 40.73 -14.77 8.56
C GLU A 104 41.13 -16.24 8.45
N GLU A 105 40.47 -16.96 7.54
CA GLU A 105 40.75 -18.37 7.35
C GLU A 105 42.21 -18.59 6.97
N SER A 106 42.77 -17.63 6.24
CA SER A 106 44.17 -17.73 5.81
C SER A 106 45.11 -17.66 7.00
N LYS A 107 44.83 -16.74 7.92
CA LYS A 107 45.66 -16.58 9.12
C LYS A 107 45.79 -17.91 9.86
N ALA A 108 44.67 -18.63 9.96
CA ALA A 108 44.67 -19.91 10.66
C ALA A 108 45.71 -20.85 10.06
N THR A 109 45.82 -20.83 8.73
CA THR A 109 46.78 -21.68 8.04
C THR A 109 48.20 -21.31 8.44
N ILE A 110 48.46 -20.02 8.59
CA ILE A 110 49.79 -19.55 8.98
C ILE A 110 50.16 -20.08 10.35
N HIS A 111 49.19 -20.13 11.25
CA HIS A 111 49.42 -20.63 12.59
C HIS A 111 49.90 -22.08 12.54
N GLU A 112 49.34 -22.84 11.61
CA GLU A 112 49.72 -24.23 11.45
C GLU A 112 51.22 -24.36 11.18
N ASN A 113 51.71 -23.53 10.27
CA ASN A 113 53.12 -23.54 9.93
C ASN A 113 53.97 -23.34 11.19
N ILE A 114 53.41 -22.61 12.15
CA ILE A 114 54.12 -22.36 13.41
C ILE A 114 54.17 -23.62 14.25
N GLY A 115 53.27 -24.55 13.97
CA GLY A 115 53.22 -25.81 14.72
C GLY A 115 54.41 -26.69 14.35
N ALA A 116 55.01 -26.43 13.20
CA ALA A 116 56.16 -27.20 12.75
C ALA A 116 57.31 -27.08 13.75
N ALA A 117 57.61 -25.84 14.14
CA ALA A 117 58.69 -25.59 15.08
C ALA A 117 58.84 -24.11 15.36
N GLY A 118 58.76 -23.30 14.31
CA GLY A 118 58.88 -21.85 14.44
C GLY A 118 59.95 -21.30 13.52
N PHE A 119 60.41 -22.12 12.58
CA PHE A 119 61.44 -21.71 11.64
C PHE A 119 61.26 -22.43 10.31
N LYS A 120 60.45 -21.85 9.42
CA LYS A 120 60.20 -22.44 8.12
C LYS A 120 61.39 -23.30 7.68
N MET A 121 62.51 -22.64 7.39
CA MET A 121 63.71 -23.35 6.96
C MET A 121 64.96 -22.68 7.53
N SER A 122 65.67 -23.39 8.38
CA SER A 122 66.88 -22.86 8.99
C SER A 122 67.99 -22.71 7.95
N PRO A 123 68.81 -21.70 8.07
CA PRO A 123 69.92 -21.46 7.12
C PRO A 123 71.01 -22.53 7.20
N MET A 1 38.50 13.74 -22.81
CA MET A 1 38.84 12.45 -23.44
C MET A 1 38.27 11.31 -22.60
N SER A 2 38.63 11.28 -21.32
CA SER A 2 38.14 10.25 -20.42
C SER A 2 36.71 10.55 -19.97
N THR A 3 35.77 9.68 -20.36
CA THR A 3 34.38 9.86 -20.00
C THR A 3 34.23 10.12 -18.51
N LEU A 4 35.25 9.74 -17.75
CA LEU A 4 35.23 9.94 -16.31
C LEU A 4 35.18 11.42 -15.96
N SER A 5 36.00 12.21 -16.67
CA SER A 5 36.04 13.65 -16.42
C SER A 5 34.66 14.28 -16.64
N ASN A 6 33.94 13.77 -17.63
CA ASN A 6 32.61 14.29 -17.94
C ASN A 6 31.58 13.77 -16.94
N PHE A 7 31.79 12.54 -16.46
CA PHE A 7 30.87 11.94 -15.50
C PHE A 7 30.93 12.67 -14.16
N THR A 8 32.11 13.20 -13.83
CA THR A 8 32.28 13.91 -12.57
C THR A 8 31.21 15.00 -12.42
N GLN A 9 30.81 15.58 -13.54
CA GLN A 9 29.80 16.64 -13.52
C GLN A 9 28.51 16.15 -12.86
N THR A 10 28.17 14.89 -13.11
CA THR A 10 26.96 14.32 -12.53
C THR A 10 27.16 14.05 -11.03
N LEU A 11 28.37 13.70 -10.66
CA LEU A 11 28.68 13.41 -9.26
C LEU A 11 28.45 14.65 -8.39
N GLU A 12 28.78 15.82 -8.93
CA GLU A 12 28.61 17.07 -8.20
C GLU A 12 27.15 17.26 -7.80
N ASP A 13 26.24 16.97 -8.73
CA ASP A 13 24.81 17.12 -8.46
C ASP A 13 24.36 16.18 -7.34
N VAL A 14 24.92 14.98 -7.31
CA VAL A 14 24.56 14.01 -6.29
C VAL A 14 25.23 14.38 -4.96
N PHE A 15 26.53 14.67 -5.03
CA PHE A 15 27.28 15.05 -3.86
C PHE A 15 26.75 16.37 -3.32
N ARG A 16 26.30 17.23 -4.24
CA ARG A 16 25.75 18.52 -3.85
C ARG A 16 24.44 18.33 -3.12
N ARG A 17 23.61 17.43 -3.65
CA ARG A 17 22.30 17.15 -3.05
C ARG A 17 22.49 16.55 -1.66
N ILE A 18 23.49 15.69 -1.52
CA ILE A 18 23.75 15.06 -0.23
C ILE A 18 24.14 16.10 0.82
N PHE A 19 24.82 17.15 0.36
CA PHE A 19 25.26 18.22 1.25
C PHE A 19 24.06 19.04 1.71
N ILE A 20 23.27 19.51 0.76
CA ILE A 20 22.09 20.28 1.09
C ILE A 20 21.10 19.37 1.81
N THR A 21 21.07 18.11 1.36
CA THR A 21 20.21 17.12 1.98
C THR A 21 20.79 16.69 3.32
N TYR A 22 22.11 16.58 3.37
CA TYR A 22 22.78 16.19 4.61
C TYR A 22 22.48 17.20 5.69
N MET A 23 22.72 18.47 5.38
CA MET A 23 22.45 19.55 6.32
C MET A 23 20.97 19.52 6.70
N ASP A 24 20.15 19.01 5.79
CA ASP A 24 18.71 18.92 6.03
C ASP A 24 18.41 17.84 7.06
N ASN A 25 19.17 16.75 7.01
CA ASN A 25 18.97 15.64 7.94
C ASN A 25 19.43 16.04 9.34
N TRP A 26 20.53 16.79 9.40
CA TRP A 26 21.06 17.24 10.69
C TRP A 26 19.99 17.98 11.47
N ARG A 27 19.16 18.75 10.77
CA ARG A 27 18.11 19.51 11.42
C ARG A 27 16.99 18.59 11.90
N GLN A 28 16.62 17.62 11.06
CA GLN A 28 15.57 16.68 11.41
C GLN A 28 16.08 15.62 12.38
N ASN A 29 17.39 15.42 12.39
CA ASN A 29 18.00 14.44 13.27
C ASN A 29 18.03 14.94 14.71
N THR A 30 17.84 16.24 14.88
CA THR A 30 17.85 16.85 16.21
C THR A 30 16.50 16.62 16.91
N THR A 31 15.43 16.74 16.14
CA THR A 31 14.09 16.55 16.70
C THR A 31 13.98 15.20 17.41
N ALA A 32 14.71 14.21 16.91
CA ALA A 32 14.69 12.88 17.51
C ALA A 32 14.92 12.96 19.02
N GLU A 33 15.93 13.71 19.42
CA GLU A 33 16.26 13.86 20.84
C GLU A 33 15.13 14.57 21.58
N GLN A 34 14.59 15.62 20.96
CA GLN A 34 13.51 16.38 21.58
C GLN A 34 12.21 15.59 21.56
N GLU A 35 12.03 14.78 20.52
CA GLU A 35 10.83 13.97 20.39
C GLU A 35 10.62 13.12 21.65
N ALA A 36 11.71 12.66 22.24
CA ALA A 36 11.63 11.84 23.44
C ALA A 36 10.78 12.52 24.51
N LEU A 37 10.90 13.85 24.60
CA LEU A 37 10.13 14.60 25.58
C LEU A 37 8.65 14.58 25.23
N GLN A 38 8.35 14.70 23.94
CA GLN A 38 6.97 14.70 23.48
C GLN A 38 6.34 13.32 23.68
N ALA A 39 7.17 12.29 23.66
CA ALA A 39 6.69 10.92 23.84
C ALA A 39 5.87 10.82 25.12
N LYS A 40 6.17 11.69 26.09
CA LYS A 40 5.45 11.68 27.35
C LYS A 40 4.00 12.12 27.14
N VAL A 41 3.67 12.48 25.91
CA VAL A 41 2.31 12.91 25.59
C VAL A 41 1.74 12.10 24.43
N ASP A 42 1.95 10.79 24.47
CA ASP A 42 1.45 9.91 23.42
C ASP A 42 -0.05 9.67 23.57
N ALA A 43 -0.70 10.47 24.42
CA ALA A 43 -2.13 10.33 24.63
C ALA A 43 -2.90 10.69 23.37
N GLU A 44 -2.27 11.46 22.49
CA GLU A 44 -2.90 11.88 21.25
C GLU A 44 -2.90 10.72 20.25
N ASN A 45 -1.88 9.88 20.33
CA ASN A 45 -1.75 8.73 19.44
C ASN A 45 -1.68 9.17 17.98
N PHE A 46 -1.70 10.49 17.76
CA PHE A 46 -1.62 11.02 16.40
C PHE A 46 -0.21 10.84 15.85
N TYR A 47 0.76 10.74 16.74
CA TYR A 47 2.15 10.57 16.33
C TYR A 47 2.31 9.29 15.51
N TYR A 48 1.56 8.26 15.88
CA TYR A 48 1.63 6.99 15.18
C TYR A 48 1.32 7.17 13.69
N VAL A 49 0.45 8.11 13.38
CA VAL A 49 0.08 8.37 11.99
C VAL A 49 1.29 8.84 11.19
N ILE A 50 2.07 9.74 11.78
CA ILE A 50 3.26 10.25 11.10
C ILE A 50 4.21 9.12 10.73
N LEU A 51 4.39 8.17 11.66
CA LEU A 51 5.27 7.03 11.43
C LEU A 51 4.75 6.19 10.27
N TYR A 52 3.44 5.98 10.24
CA TYR A 52 2.82 5.19 9.19
C TYR A 52 2.81 5.96 7.87
N LEU A 53 2.60 7.27 7.95
CA LEU A 53 2.56 8.11 6.77
C LEU A 53 3.80 7.89 5.90
N MET A 54 4.94 7.71 6.54
CA MET A 54 6.19 7.49 5.80
C MET A 54 6.05 6.29 4.86
N VAL A 55 5.44 5.23 5.35
CA VAL A 55 5.25 4.02 4.55
C VAL A 55 4.17 4.25 3.48
N MET A 56 3.04 4.81 3.89
CA MET A 56 1.96 5.06 2.96
C MET A 56 2.47 5.75 1.70
N ILE A 57 2.97 6.97 1.86
CA ILE A 57 3.48 7.73 0.72
C ILE A 57 4.65 7.00 0.08
N GLY A 58 5.55 6.47 0.91
CA GLY A 58 6.70 5.75 0.40
C GLY A 58 6.28 4.62 -0.53
N MET A 59 5.22 3.91 -0.14
CA MET A 59 4.71 2.80 -0.95
C MET A 59 4.31 3.30 -2.33
N PHE A 60 3.68 4.47 -2.37
CA PHE A 60 3.25 5.04 -3.65
C PHE A 60 4.42 5.13 -4.62
N SER A 61 5.61 5.44 -4.08
CA SER A 61 6.81 5.55 -4.91
C SER A 61 7.21 4.18 -5.46
N PHE A 62 6.95 3.14 -4.69
CA PHE A 62 7.30 1.79 -5.12
C PHE A 62 6.32 1.29 -6.18
N ILE A 63 5.07 1.72 -6.08
CA ILE A 63 4.05 1.29 -7.03
C ILE A 63 4.23 2.00 -8.37
N ILE A 64 4.47 3.31 -8.32
CA ILE A 64 4.65 4.09 -9.54
C ILE A 64 5.84 3.56 -10.34
N VAL A 65 6.93 3.28 -9.65
CA VAL A 65 8.13 2.77 -10.30
C VAL A 65 7.91 1.34 -10.79
N ALA A 66 7.06 0.59 -10.08
CA ALA A 66 6.78 -0.78 -10.45
C ALA A 66 6.24 -0.85 -11.88
N ILE A 67 5.30 0.04 -12.19
CA ILE A 67 4.72 0.07 -13.53
C ILE A 67 5.78 0.43 -14.56
N LEU A 68 6.58 1.45 -14.26
CA LEU A 68 7.63 1.88 -15.17
C LEU A 68 8.54 0.72 -15.53
N VAL A 69 8.83 -0.13 -14.56
CA VAL A 69 9.68 -1.29 -14.78
C VAL A 69 8.99 -2.31 -15.67
N SER A 70 7.69 -2.49 -15.44
CA SER A 70 6.91 -3.44 -16.23
C SER A 70 6.74 -2.93 -17.65
N THR A 71 6.35 -1.66 -17.75
CA THR A 71 6.17 -1.03 -19.05
C THR A 71 7.50 -0.94 -19.78
N VAL A 72 8.57 -0.78 -19.01
CA VAL A 72 9.91 -0.70 -19.58
C VAL A 72 10.39 -2.06 -20.05
N LYS A 73 10.26 -3.05 -19.16
CA LYS A 73 10.67 -4.40 -19.48
C LYS A 73 9.78 -4.98 -20.56
N SER A 74 8.53 -4.51 -20.61
CA SER A 74 7.58 -4.98 -21.61
C SER A 74 7.94 -4.46 -22.99
N LYS A 75 8.61 -3.31 -23.03
CA LYS A 75 9.00 -2.70 -24.30
C LYS A 75 9.93 -3.64 -25.07
N ARG A 76 10.58 -4.56 -24.36
CA ARG A 76 11.49 -5.49 -25.00
C ARG A 76 10.71 -6.57 -25.75
N ARG A 77 9.39 -6.56 -25.58
CA ARG A 77 8.54 -7.55 -26.23
C ARG A 77 7.35 -6.88 -26.90
N GLU A 78 6.38 -6.45 -26.10
CA GLU A 78 5.19 -5.80 -26.63
C GLU A 78 4.66 -4.77 -25.64
N HIS A 79 3.52 -4.16 -25.98
CA HIS A 79 2.92 -3.15 -25.11
C HIS A 79 1.58 -2.68 -25.69
N SER A 80 0.52 -3.42 -25.37
CA SER A 80 -0.81 -3.07 -25.85
C SER A 80 -1.87 -3.52 -24.85
N ASN A 81 -3.06 -2.91 -24.95
CA ASN A 81 -4.15 -3.25 -24.06
C ASN A 81 -5.45 -3.45 -24.84
N ASP A 82 -5.60 -2.71 -25.93
CA ASP A 82 -6.79 -2.81 -26.75
C ASP A 82 -6.42 -3.05 -28.22
N PRO A 83 -7.26 -3.75 -28.93
CA PRO A 83 -7.02 -4.05 -30.37
C PRO A 83 -7.22 -2.83 -31.26
N TYR A 84 -6.32 -2.65 -32.23
CA TYR A 84 -6.41 -1.51 -33.14
C TYR A 84 -7.25 -1.88 -34.37
N HIS A 85 -8.03 -0.93 -34.86
CA HIS A 85 -8.86 -1.16 -36.03
C HIS A 85 -8.02 -1.66 -37.20
N GLN A 86 -7.65 -2.93 -37.16
CA GLN A 86 -6.83 -3.53 -38.22
C GLN A 86 -7.62 -3.59 -39.52
N TYR A 87 -8.94 -3.65 -39.40
CA TYR A 87 -9.80 -3.71 -40.59
C TYR A 87 -9.90 -2.35 -41.26
N ILE A 88 -10.01 -1.30 -40.44
CA ILE A 88 -10.11 0.06 -40.96
C ILE A 88 -8.76 0.53 -41.49
N VAL A 89 -7.69 0.14 -40.80
CA VAL A 89 -6.34 0.53 -41.22
C VAL A 89 -5.89 -0.32 -42.40
N GLU A 90 -6.49 -1.50 -42.54
CA GLU A 90 -6.14 -2.40 -43.63
C GLU A 90 -6.43 -1.75 -44.98
N ASP A 91 -7.51 -0.99 -45.05
CA ASP A 91 -7.88 -0.31 -46.29
C ASP A 91 -6.79 0.67 -46.71
N TRP A 92 -6.24 1.39 -45.75
CA TRP A 92 -5.19 2.36 -46.04
C TRP A 92 -3.84 1.67 -46.21
N GLN A 93 -3.61 0.64 -45.40
CA GLN A 93 -2.35 -0.10 -45.48
C GLN A 93 -2.24 -0.83 -46.81
N GLU A 94 -3.37 -1.12 -47.43
CA GLU A 94 -3.38 -1.81 -48.72
C GLU A 94 -2.99 -0.85 -49.83
N LYS A 95 -3.58 0.34 -49.79
CA LYS A 95 -3.28 1.36 -50.79
C LYS A 95 -1.85 1.84 -50.63
N TYR A 96 -1.32 1.69 -49.41
CA TYR A 96 0.03 2.11 -49.12
C TYR A 96 1.04 1.11 -49.69
N LYS A 97 0.71 -0.17 -49.63
CA LYS A 97 1.59 -1.21 -50.14
C LYS A 97 1.89 -0.97 -51.62
N SER A 98 0.90 -0.46 -52.33
CA SER A 98 1.07 -0.19 -53.75
C SER A 98 2.15 0.86 -53.97
N GLN A 99 2.20 1.84 -53.07
CA GLN A 99 3.20 2.90 -53.17
C GLN A 99 4.60 2.35 -52.92
N ILE A 100 4.71 1.45 -51.96
CA ILE A 100 6.00 0.85 -51.63
C ILE A 100 6.60 0.16 -52.85
N LEU A 101 5.77 -0.56 -53.59
CA LEU A 101 6.22 -1.27 -54.77
C LEU A 101 6.57 -0.28 -55.89
N ASN A 102 5.70 0.69 -56.11
CA ASN A 102 5.92 1.69 -57.15
C ASN A 102 7.24 2.43 -56.93
N LEU A 103 7.47 2.85 -55.68
CA LEU A 103 8.69 3.57 -55.34
C LEU A 103 9.92 2.79 -55.79
N GLU A 104 9.84 1.47 -55.70
CA GLU A 104 10.95 0.62 -56.10
C GLU A 104 11.30 0.83 -57.57
N GLU A 105 10.28 0.90 -58.42
CA GLU A 105 10.49 1.09 -59.85
C GLU A 105 10.86 2.54 -60.16
N SER A 106 10.26 3.47 -59.42
CA SER A 106 10.55 4.89 -59.64
C SER A 106 11.98 5.22 -59.27
N LYS A 107 12.42 4.75 -58.11
CA LYS A 107 13.78 5.02 -57.65
C LYS A 107 14.80 4.46 -58.64
N ALA A 108 14.50 3.30 -59.21
CA ALA A 108 15.41 2.66 -60.16
C ALA A 108 15.68 3.57 -61.34
N THR A 109 14.68 4.31 -61.77
CA THR A 109 14.84 5.22 -62.91
C THR A 109 15.84 6.32 -62.60
N ILE A 110 15.67 6.97 -61.45
CA ILE A 110 16.57 8.04 -61.04
C ILE A 110 18.00 7.52 -60.97
N HIS A 111 18.16 6.28 -60.51
CA HIS A 111 19.49 5.70 -60.40
C HIS A 111 20.10 5.48 -61.78
N GLU A 112 19.28 4.98 -62.71
CA GLU A 112 19.76 4.74 -64.07
C GLU A 112 20.24 6.03 -64.72
N ASN A 113 19.61 7.15 -64.34
CA ASN A 113 19.99 8.44 -64.89
C ASN A 113 21.35 8.89 -64.37
N ILE A 114 21.61 8.60 -63.09
CA ILE A 114 22.87 8.98 -62.48
C ILE A 114 24.05 8.42 -63.28
N GLY A 115 23.90 7.19 -63.75
CA GLY A 115 24.97 6.56 -64.53
C GLY A 115 25.00 7.09 -65.95
N ALA A 116 23.86 7.60 -66.42
CA ALA A 116 23.78 8.15 -67.77
C ALA A 116 24.37 9.55 -67.82
N ALA A 117 24.52 10.17 -66.65
CA ALA A 117 25.07 11.51 -66.57
C ALA A 117 24.02 12.54 -66.96
N GLY A 118 22.97 12.08 -67.62
CA GLY A 118 21.90 12.99 -68.06
C GLY A 118 22.32 13.74 -69.31
N PHE A 119 22.97 13.05 -70.23
CA PHE A 119 23.42 13.67 -71.48
C PHE A 119 23.38 12.67 -72.62
N LYS A 120 22.21 12.54 -73.25
CA LYS A 120 22.06 11.61 -74.37
C LYS A 120 20.97 12.10 -75.32
N MET A 121 21.20 13.29 -75.90
CA MET A 121 20.25 13.87 -76.83
C MET A 121 20.80 13.86 -78.25
N SER A 122 19.94 13.53 -79.21
CA SER A 122 20.36 13.49 -80.61
C SER A 122 20.33 14.89 -81.22
N PRO A 123 21.28 15.21 -82.06
CA PRO A 123 21.36 16.54 -82.71
C PRO A 123 19.99 17.05 -83.15
N MET A 1 -49.95 -17.11 16.58
CA MET A 1 -48.59 -16.57 16.85
C MET A 1 -48.65 -15.04 16.91
N SER A 2 -48.34 -14.50 18.07
CA SER A 2 -48.36 -13.05 18.24
C SER A 2 -47.02 -12.44 17.82
N THR A 3 -46.92 -12.06 16.56
CA THR A 3 -45.69 -11.47 16.04
C THR A 3 -45.41 -10.13 16.73
N LEU A 4 -46.47 -9.43 17.09
CA LEU A 4 -46.33 -8.14 17.76
C LEU A 4 -45.44 -8.27 18.98
N SER A 5 -45.61 -9.37 19.72
CA SER A 5 -44.82 -9.62 20.91
C SER A 5 -43.33 -9.66 20.57
N ASN A 6 -43.02 -10.27 19.43
CA ASN A 6 -41.64 -10.38 19.00
C ASN A 6 -41.09 -9.02 18.57
N PHE A 7 -41.95 -8.22 17.94
CA PHE A 7 -41.55 -6.89 17.49
C PHE A 7 -41.06 -6.05 18.67
N THR A 8 -41.64 -6.29 19.84
CA THR A 8 -41.26 -5.55 21.03
C THR A 8 -39.89 -6.02 21.53
N GLN A 9 -39.61 -7.31 21.33
CA GLN A 9 -38.34 -7.88 21.77
C GLN A 9 -37.17 -7.28 20.99
N THR A 10 -37.43 -6.93 19.73
CA THR A 10 -36.39 -6.35 18.89
C THR A 10 -35.92 -5.01 19.45
N LEU A 11 -36.87 -4.20 19.89
CA LEU A 11 -36.54 -2.89 20.46
C LEU A 11 -35.64 -3.04 21.68
N GLU A 12 -36.01 -3.97 22.56
CA GLU A 12 -35.22 -4.20 23.77
C GLU A 12 -33.82 -4.64 23.41
N ASP A 13 -33.70 -5.48 22.39
CA ASP A 13 -32.41 -5.97 21.94
C ASP A 13 -31.49 -4.81 21.58
N VAL A 14 -32.08 -3.78 20.98
CA VAL A 14 -31.32 -2.59 20.59
C VAL A 14 -30.87 -1.84 21.83
N PHE A 15 -31.80 -1.64 22.76
CA PHE A 15 -31.49 -0.94 24.00
C PHE A 15 -30.56 -1.81 24.84
N ARG A 16 -30.75 -3.13 24.73
CA ARG A 16 -29.93 -4.07 25.47
C ARG A 16 -28.50 -4.07 24.91
N ARG A 17 -28.40 -4.01 23.59
CA ARG A 17 -27.09 -3.98 22.94
C ARG A 17 -26.39 -2.66 23.21
N ILE A 18 -27.18 -1.60 23.30
CA ILE A 18 -26.63 -0.27 23.57
C ILE A 18 -26.11 -0.18 24.99
N PHE A 19 -26.77 -0.89 25.91
CA PHE A 19 -26.39 -0.88 27.31
C PHE A 19 -25.07 -1.63 27.50
N ILE A 20 -25.02 -2.86 26.99
CA ILE A 20 -23.81 -3.65 27.09
C ILE A 20 -22.72 -2.95 26.30
N THR A 21 -23.12 -2.39 25.17
CA THR A 21 -22.20 -1.66 24.31
C THR A 21 -21.87 -0.31 24.94
N TYR A 22 -22.88 0.32 25.57
CA TYR A 22 -22.67 1.62 26.19
C TYR A 22 -21.75 1.48 27.40
N MET A 23 -22.10 0.58 28.30
CA MET A 23 -21.29 0.33 29.50
C MET A 23 -19.89 -0.10 29.08
N ASP A 24 -19.80 -0.71 27.91
CA ASP A 24 -18.52 -1.19 27.40
C ASP A 24 -17.59 -0.01 27.10
N ASN A 25 -18.17 1.10 26.66
CA ASN A 25 -17.38 2.28 26.33
C ASN A 25 -16.49 2.69 27.51
N TRP A 26 -17.01 2.60 28.72
CA TRP A 26 -16.24 2.95 29.91
C TRP A 26 -15.06 1.99 30.09
N ARG A 27 -15.27 0.73 29.71
CA ARG A 27 -14.20 -0.27 29.83
C ARG A 27 -13.03 0.09 28.93
N GLN A 28 -13.34 0.57 27.72
CA GLN A 28 -12.31 0.95 26.78
C GLN A 28 -11.51 2.13 27.31
N ASN A 29 -12.16 2.95 28.13
CA ASN A 29 -11.51 4.12 28.71
C ASN A 29 -10.30 3.69 29.54
N THR A 30 -10.26 2.41 29.90
CA THR A 30 -9.16 1.88 30.69
C THR A 30 -7.87 1.87 29.87
N THR A 31 -7.98 1.43 28.62
CA THR A 31 -6.82 1.38 27.74
C THR A 31 -6.23 2.78 27.55
N ALA A 32 -7.10 3.78 27.55
CA ALA A 32 -6.67 5.17 27.39
C ALA A 32 -5.72 5.55 28.52
N GLU A 33 -5.93 4.99 29.70
CA GLU A 33 -5.09 5.29 30.86
C GLU A 33 -3.62 5.04 30.51
N GLN A 34 -3.36 3.95 29.82
CA GLN A 34 -1.99 3.61 29.44
C GLN A 34 -1.43 4.67 28.48
N GLU A 35 -2.29 5.15 27.59
CA GLU A 35 -1.87 6.16 26.62
C GLU A 35 -1.65 7.49 27.33
N ALA A 36 -2.47 7.78 28.33
CA ALA A 36 -2.35 9.03 29.08
C ALA A 36 -0.92 9.19 29.59
N LEU A 37 -0.31 8.08 29.98
CA LEU A 37 1.06 8.12 30.49
C LEU A 37 2.00 8.75 29.45
N GLN A 38 1.88 8.29 28.21
CA GLN A 38 2.71 8.81 27.12
C GLN A 38 2.25 10.21 26.73
N ALA A 39 0.99 10.52 27.01
CA ALA A 39 0.44 11.83 26.68
C ALA A 39 1.25 12.93 27.34
N LYS A 40 1.87 12.61 28.48
CA LYS A 40 2.68 13.58 29.20
C LYS A 40 3.89 13.99 28.38
N VAL A 41 4.48 13.02 27.69
CA VAL A 41 5.66 13.28 26.86
C VAL A 41 5.36 12.92 25.40
N ASP A 42 6.39 12.96 24.56
CA ASP A 42 6.22 12.64 23.15
C ASP A 42 4.91 13.23 22.63
N ALA A 43 4.65 14.49 22.98
CA ALA A 43 3.43 15.15 22.54
C ALA A 43 3.27 15.04 21.02
N GLU A 44 4.37 15.23 20.30
CA GLU A 44 4.34 15.15 18.85
C GLU A 44 3.88 13.76 18.41
N ASN A 45 4.12 12.77 19.26
CA ASN A 45 3.73 11.40 18.96
C ASN A 45 4.04 11.06 17.51
N PHE A 46 5.32 11.15 17.14
CA PHE A 46 5.74 10.85 15.78
C PHE A 46 5.25 9.46 15.37
N TYR A 47 5.03 8.61 16.36
CA TYR A 47 4.55 7.25 16.08
C TYR A 47 3.28 7.28 15.26
N TYR A 48 2.31 8.08 15.70
CA TYR A 48 1.04 8.21 15.00
C TYR A 48 1.28 8.68 13.57
N VAL A 49 2.26 9.57 13.41
CA VAL A 49 2.57 10.10 12.08
C VAL A 49 3.37 9.08 11.27
N ILE A 50 4.28 8.39 11.94
CA ILE A 50 5.10 7.38 11.28
C ILE A 50 4.20 6.35 10.59
N LEU A 51 3.08 6.05 11.23
CA LEU A 51 2.13 5.08 10.68
C LEU A 51 1.39 5.70 9.50
N TYR A 52 1.04 6.97 9.64
CA TYR A 52 0.32 7.67 8.57
C TYR A 52 1.24 7.93 7.39
N LEU A 53 2.46 8.34 7.70
CA LEU A 53 3.45 8.62 6.64
C LEU A 53 3.80 7.34 5.89
N MET A 54 3.97 6.25 6.63
CA MET A 54 4.30 4.97 6.02
C MET A 54 3.22 4.56 5.02
N VAL A 55 2.00 5.01 5.27
CA VAL A 55 0.88 4.70 4.38
C VAL A 55 0.94 5.54 3.11
N MET A 56 0.71 6.84 3.25
CA MET A 56 0.74 7.75 2.12
C MET A 56 1.92 7.43 1.20
N ILE A 57 3.13 7.68 1.70
CA ILE A 57 4.33 7.43 0.91
C ILE A 57 4.35 5.98 0.40
N GLY A 58 3.98 5.05 1.27
CA GLY A 58 3.96 3.64 0.91
C GLY A 58 3.01 3.39 -0.26
N MET A 59 1.87 4.09 -0.25
CA MET A 59 0.88 3.93 -1.31
C MET A 59 1.38 4.57 -2.60
N PHE A 60 1.99 5.74 -2.48
CA PHE A 60 2.51 6.44 -3.65
C PHE A 60 3.65 5.65 -4.31
N SER A 61 4.55 5.13 -3.48
CA SER A 61 5.67 4.36 -3.99
C SER A 61 5.19 3.15 -4.79
N PHE A 62 4.06 2.59 -4.38
CA PHE A 62 3.51 1.43 -5.08
C PHE A 62 3.14 1.78 -6.52
N ILE A 63 2.48 2.92 -6.69
CA ILE A 63 2.08 3.36 -8.03
C ILE A 63 3.29 3.41 -8.96
N ILE A 64 4.38 4.01 -8.49
CA ILE A 64 5.59 4.12 -9.29
C ILE A 64 6.05 2.74 -9.77
N VAL A 65 6.15 1.80 -8.84
CA VAL A 65 6.58 0.45 -9.17
C VAL A 65 5.71 -0.13 -10.29
N ALA A 66 4.41 0.07 -10.20
CA ALA A 66 3.49 -0.45 -11.21
C ALA A 66 3.88 0.04 -12.60
N ILE A 67 4.10 1.35 -12.72
CA ILE A 67 4.47 1.93 -14.01
C ILE A 67 5.79 1.36 -14.51
N LEU A 68 6.77 1.27 -13.61
CA LEU A 68 8.08 0.74 -13.98
C LEU A 68 7.96 -0.70 -14.47
N VAL A 69 7.11 -1.48 -13.81
CA VAL A 69 6.91 -2.87 -14.18
C VAL A 69 6.50 -2.99 -15.65
N SER A 70 5.66 -2.07 -16.10
CA SER A 70 5.20 -2.07 -17.47
C SER A 70 6.33 -1.68 -18.41
N THR A 71 7.02 -0.60 -18.05
CA THR A 71 8.14 -0.12 -18.85
C THR A 71 9.30 -1.12 -18.77
N VAL A 72 9.39 -1.80 -17.64
CA VAL A 72 10.46 -2.78 -17.44
C VAL A 72 10.18 -4.03 -18.28
N LYS A 73 8.97 -4.55 -18.16
CA LYS A 73 8.60 -5.74 -18.92
C LYS A 73 8.47 -5.39 -20.40
N SER A 74 8.12 -4.14 -20.68
CA SER A 74 7.98 -3.69 -22.06
C SER A 74 9.32 -3.74 -22.78
N LYS A 75 10.41 -3.73 -22.01
CA LYS A 75 11.74 -3.76 -22.59
C LYS A 75 11.90 -4.98 -23.50
N ARG A 76 11.03 -5.96 -23.33
CA ARG A 76 11.08 -7.18 -24.14
C ARG A 76 10.98 -6.81 -25.62
N ARG A 77 10.73 -5.54 -25.90
CA ARG A 77 10.61 -5.08 -27.28
C ARG A 77 11.93 -4.49 -27.76
N GLU A 78 12.95 -4.55 -26.90
CA GLU A 78 14.26 -4.03 -27.25
C GLU A 78 15.02 -5.03 -28.14
N HIS A 79 16.34 -5.04 -27.99
CA HIS A 79 17.17 -5.94 -28.78
C HIS A 79 16.85 -7.40 -28.48
N SER A 80 17.88 -8.23 -28.46
CA SER A 80 17.70 -9.65 -28.18
C SER A 80 18.10 -9.98 -26.74
N ASN A 81 18.34 -8.94 -25.95
CA ASN A 81 18.73 -9.12 -24.56
C ASN A 81 17.66 -9.89 -23.79
N ASP A 82 18.01 -11.09 -23.34
CA ASP A 82 17.06 -11.91 -22.59
C ASP A 82 17.64 -12.30 -21.23
N PRO A 83 16.80 -12.41 -20.24
CA PRO A 83 17.25 -12.78 -18.86
C PRO A 83 17.85 -14.18 -18.79
N TYR A 84 18.84 -14.35 -17.92
CA TYR A 84 19.50 -15.64 -17.76
C TYR A 84 19.12 -16.26 -16.42
N HIS A 85 18.56 -17.47 -16.47
CA HIS A 85 18.14 -18.17 -15.26
C HIS A 85 16.78 -17.64 -14.79
N GLN A 86 16.59 -16.32 -14.91
CA GLN A 86 15.34 -15.71 -14.51
C GLN A 86 14.23 -16.09 -15.47
N TYR A 87 14.63 -16.52 -16.67
CA TYR A 87 13.67 -16.92 -17.69
C TYR A 87 12.97 -18.22 -17.31
N ILE A 88 13.65 -19.03 -16.48
CA ILE A 88 13.10 -20.30 -16.04
C ILE A 88 11.89 -20.08 -15.14
N VAL A 89 11.83 -18.92 -14.50
CA VAL A 89 10.73 -18.60 -13.61
C VAL A 89 9.44 -18.42 -14.41
N GLU A 90 9.59 -18.08 -15.68
CA GLU A 90 8.43 -17.88 -16.55
C GLU A 90 7.88 -19.23 -17.01
N ASP A 91 8.74 -20.22 -17.07
CA ASP A 91 8.33 -21.56 -17.49
C ASP A 91 7.26 -22.11 -16.56
N TRP A 92 7.22 -21.59 -15.34
CA TRP A 92 6.24 -22.05 -14.36
C TRP A 92 4.82 -21.76 -14.86
N GLN A 93 4.66 -20.64 -15.55
CA GLN A 93 3.36 -20.25 -16.08
C GLN A 93 2.83 -21.32 -17.03
N GLU A 94 3.74 -22.10 -17.60
CA GLU A 94 3.36 -23.17 -18.52
C GLU A 94 2.69 -24.30 -17.74
N LYS A 95 3.28 -24.65 -16.61
CA LYS A 95 2.74 -25.72 -15.77
C LYS A 95 1.52 -25.20 -15.00
N TYR A 96 1.46 -23.89 -14.80
CA TYR A 96 0.36 -23.27 -14.08
C TYR A 96 -0.88 -23.15 -14.97
N LYS A 97 -0.65 -23.11 -16.28
CA LYS A 97 -1.75 -22.99 -17.23
C LYS A 97 -2.73 -24.15 -17.07
N SER A 98 -2.21 -25.31 -16.70
CA SER A 98 -3.05 -26.50 -16.52
C SER A 98 -4.17 -26.23 -15.52
N GLN A 99 -3.89 -25.39 -14.54
CA GLN A 99 -4.88 -25.08 -13.52
C GLN A 99 -6.13 -24.47 -14.15
N ILE A 100 -5.92 -23.47 -15.01
CA ILE A 100 -7.05 -22.82 -15.68
C ILE A 100 -7.59 -23.70 -16.79
N LEU A 101 -6.69 -24.36 -17.51
CA LEU A 101 -7.08 -25.24 -18.61
C LEU A 101 -8.07 -26.31 -18.13
N ASN A 102 -7.91 -26.74 -16.89
CA ASN A 102 -8.78 -27.76 -16.34
C ASN A 102 -10.26 -27.41 -16.53
N LEU A 103 -10.60 -26.14 -16.35
CA LEU A 103 -11.97 -25.70 -16.52
C LEU A 103 -12.39 -25.78 -17.98
N GLU A 104 -11.55 -25.25 -18.87
CA GLU A 104 -11.84 -25.27 -20.29
C GLU A 104 -11.89 -26.71 -20.80
N GLU A 105 -11.01 -27.55 -20.27
CA GLU A 105 -10.95 -28.95 -20.68
C GLU A 105 -12.31 -29.63 -20.46
N SER A 106 -12.97 -29.28 -19.37
CA SER A 106 -14.27 -29.87 -19.06
C SER A 106 -15.26 -29.62 -20.20
N LYS A 107 -15.21 -28.40 -20.75
CA LYS A 107 -16.10 -28.04 -21.86
C LYS A 107 -15.73 -28.83 -23.11
N ALA A 108 -14.43 -29.03 -23.31
CA ALA A 108 -13.94 -29.77 -24.47
C ALA A 108 -14.38 -31.22 -24.43
N THR A 109 -14.49 -31.76 -23.22
CA THR A 109 -14.89 -33.16 -23.04
C THR A 109 -16.25 -33.42 -23.69
N ILE A 110 -17.21 -32.53 -23.42
CA ILE A 110 -18.55 -32.68 -23.99
C ILE A 110 -18.55 -32.34 -25.47
N HIS A 111 -17.74 -31.36 -25.85
CA HIS A 111 -17.65 -30.94 -27.25
C HIS A 111 -16.90 -31.99 -28.07
N GLU A 112 -16.01 -32.72 -27.41
CA GLU A 112 -15.22 -33.75 -28.09
C GLU A 112 -16.14 -34.79 -28.74
N ASN A 113 -17.35 -34.93 -28.21
CA ASN A 113 -18.29 -35.89 -28.75
C ASN A 113 -18.88 -35.41 -30.07
N ILE A 114 -19.34 -34.15 -30.08
CA ILE A 114 -19.92 -33.58 -31.28
C ILE A 114 -18.83 -33.08 -32.22
N GLY A 115 -17.67 -32.76 -31.65
CA GLY A 115 -16.54 -32.28 -32.45
C GLY A 115 -15.90 -33.42 -33.24
N ALA A 116 -16.15 -34.65 -32.78
CA ALA A 116 -15.58 -35.82 -33.46
C ALA A 116 -16.37 -36.13 -34.72
N ALA A 117 -17.60 -35.64 -34.79
CA ALA A 117 -18.45 -35.88 -35.95
C ALA A 117 -18.55 -34.63 -36.81
N GLY A 118 -17.42 -34.21 -37.37
CA GLY A 118 -17.40 -33.03 -38.22
C GLY A 118 -17.94 -33.34 -39.61
N PHE A 119 -18.96 -34.19 -39.67
CA PHE A 119 -19.56 -34.57 -40.94
C PHE A 119 -21.07 -34.73 -40.80
N LYS A 120 -21.79 -33.62 -40.91
CA LYS A 120 -23.24 -33.65 -40.78
C LYS A 120 -23.83 -32.34 -41.30
N MET A 121 -25.14 -32.18 -41.10
CA MET A 121 -25.82 -30.97 -41.56
C MET A 121 -26.18 -30.09 -40.37
N SER A 122 -26.36 -28.80 -40.63
CA SER A 122 -26.71 -27.86 -39.57
C SER A 122 -28.19 -28.00 -39.20
N PRO A 123 -28.51 -27.85 -37.94
CA PRO A 123 -29.92 -27.96 -37.45
C PRO A 123 -30.77 -26.77 -37.89
N MET A 1 -25.29 65.02 31.21
CA MET A 1 -26.52 64.19 31.04
C MET A 1 -26.43 62.99 31.97
N SER A 2 -27.45 62.13 31.89
CA SER A 2 -27.49 60.93 32.73
C SER A 2 -27.16 59.69 31.90
N THR A 3 -25.87 59.47 31.69
CA THR A 3 -25.42 58.30 30.91
C THR A 3 -25.82 57.01 31.61
N LEU A 4 -26.12 57.10 32.91
CA LEU A 4 -26.53 55.94 33.68
C LEU A 4 -27.77 55.28 33.06
N SER A 5 -28.65 56.11 32.52
CA SER A 5 -29.87 55.60 31.90
C SER A 5 -29.52 54.62 30.79
N ASN A 6 -28.46 54.93 30.04
CA ASN A 6 -28.03 54.06 28.95
C ASN A 6 -27.40 52.79 29.51
N PHE A 7 -26.76 52.93 30.67
CA PHE A 7 -26.12 51.79 31.31
C PHE A 7 -27.15 50.74 31.68
N THR A 8 -28.29 51.21 32.19
CA THR A 8 -29.37 50.30 32.58
C THR A 8 -29.76 49.41 31.40
N GLN A 9 -29.81 50.00 30.22
CA GLN A 9 -30.17 49.26 29.02
C GLN A 9 -29.02 48.33 28.61
N THR A 10 -27.79 48.82 28.78
CA THR A 10 -26.62 48.03 28.43
C THR A 10 -26.53 46.79 29.31
N LEU A 11 -26.70 46.98 30.61
CA LEU A 11 -26.64 45.86 31.55
C LEU A 11 -27.64 44.78 31.16
N GLU A 12 -28.81 45.21 30.72
CA GLU A 12 -29.85 44.26 30.31
C GLU A 12 -29.35 43.37 29.18
N ASP A 13 -28.55 43.95 28.29
CA ASP A 13 -28.01 43.21 27.16
C ASP A 13 -26.93 42.24 27.64
N VAL A 14 -26.15 42.66 28.62
CA VAL A 14 -25.08 41.83 29.16
C VAL A 14 -25.67 40.76 30.06
N PHE A 15 -26.55 41.17 30.97
CA PHE A 15 -27.18 40.23 31.88
C PHE A 15 -28.01 39.22 31.10
N ARG A 16 -28.59 39.67 29.99
CA ARG A 16 -29.41 38.80 29.16
C ARG A 16 -28.55 37.68 28.57
N ARG A 17 -27.37 38.04 28.10
CA ARG A 17 -26.45 37.07 27.52
C ARG A 17 -25.78 36.26 28.61
N ILE A 18 -25.51 36.90 29.74
CA ILE A 18 -24.86 36.24 30.87
C ILE A 18 -25.70 35.07 31.36
N PHE A 19 -27.02 35.21 31.29
CA PHE A 19 -27.93 34.17 31.74
C PHE A 19 -27.91 32.99 30.78
N ILE A 20 -28.10 33.28 29.49
CA ILE A 20 -28.06 32.23 28.49
C ILE A 20 -26.65 31.68 28.43
N THR A 21 -25.69 32.59 28.59
CA THR A 21 -24.29 32.22 28.58
C THR A 21 -23.92 31.54 29.91
N TYR A 22 -24.49 32.04 31.00
CA TYR A 22 -24.20 31.46 32.31
C TYR A 22 -24.62 29.99 32.33
N MET A 23 -25.87 29.74 31.96
CA MET A 23 -26.38 28.38 31.93
C MET A 23 -25.60 27.57 30.90
N ASP A 24 -25.06 28.25 29.90
CA ASP A 24 -24.30 27.60 28.86
C ASP A 24 -22.92 27.18 29.38
N ASN A 25 -22.30 28.06 30.17
CA ASN A 25 -20.98 27.77 30.72
C ASN A 25 -21.04 26.57 31.66
N TRP A 26 -22.11 26.51 32.47
CA TRP A 26 -22.27 25.40 33.42
C TRP A 26 -22.26 24.07 32.68
N ARG A 27 -23.02 23.97 31.61
CA ARG A 27 -23.09 22.73 30.84
C ARG A 27 -21.75 22.44 30.18
N GLN A 28 -21.02 23.49 29.81
CA GLN A 28 -19.73 23.33 29.16
C GLN A 28 -18.64 23.06 30.21
N ASN A 29 -18.91 23.45 31.45
CA ASN A 29 -17.94 23.25 32.52
C ASN A 29 -17.54 21.78 32.64
N THR A 30 -18.52 20.89 32.53
CA THR A 30 -18.26 19.46 32.63
C THR A 30 -17.31 19.01 31.51
N THR A 31 -17.63 19.39 30.27
CA THR A 31 -16.81 19.02 29.14
C THR A 31 -15.37 19.48 29.36
N ALA A 32 -15.20 20.64 29.98
CA ALA A 32 -13.87 21.17 30.24
C ALA A 32 -13.05 20.18 31.06
N GLU A 33 -13.74 19.46 31.95
CA GLU A 33 -13.06 18.48 32.79
C GLU A 33 -12.60 17.28 31.95
N GLN A 34 -13.48 16.78 31.10
CA GLN A 34 -13.15 15.64 30.25
C GLN A 34 -12.12 16.04 29.20
N GLU A 35 -12.33 17.21 28.59
CA GLU A 35 -11.42 17.70 27.57
C GLU A 35 -10.08 18.07 28.18
N ALA A 36 -10.12 18.62 29.39
CA ALA A 36 -8.89 19.03 30.08
C ALA A 36 -7.92 17.85 30.15
N LEU A 37 -8.45 16.67 30.44
CA LEU A 37 -7.62 15.47 30.54
C LEU A 37 -7.11 15.07 29.16
N GLN A 38 -8.02 15.03 28.19
CA GLN A 38 -7.66 14.66 26.82
C GLN A 38 -6.64 15.65 26.27
N ALA A 39 -6.83 16.92 26.59
CA ALA A 39 -5.93 17.96 26.12
C ALA A 39 -4.52 17.74 26.67
N LYS A 40 -4.44 17.23 27.89
CA LYS A 40 -3.14 16.96 28.50
C LYS A 40 -2.58 15.64 28.02
N VAL A 41 -3.42 14.61 27.98
CA VAL A 41 -2.99 13.30 27.52
C VAL A 41 -2.20 13.42 26.22
N ASP A 42 -2.31 14.57 25.57
CA ASP A 42 -1.61 14.81 24.32
C ASP A 42 -2.11 13.87 23.23
N ALA A 43 -3.38 13.99 22.89
CA ALA A 43 -3.98 13.14 21.85
C ALA A 43 -3.44 13.54 20.48
N GLU A 44 -2.76 14.68 20.42
CA GLU A 44 -2.20 15.16 19.17
C GLU A 44 -1.25 14.13 18.57
N ASN A 45 -0.34 13.63 19.39
CA ASN A 45 0.63 12.63 18.93
C ASN A 45 0.86 12.75 17.43
N PHE A 46 1.87 13.53 17.05
CA PHE A 46 2.19 13.72 15.64
C PHE A 46 2.80 12.45 15.06
N TYR A 47 3.44 11.66 15.91
CA TYR A 47 4.07 10.42 15.46
C TYR A 47 3.04 9.48 14.85
N TYR A 48 1.80 9.57 15.34
CA TYR A 48 0.73 8.72 14.82
C TYR A 48 0.42 9.07 13.37
N VAL A 49 0.48 10.36 13.05
CA VAL A 49 0.21 10.82 11.70
C VAL A 49 1.30 10.34 10.75
N ILE A 50 2.55 10.42 11.19
CA ILE A 50 3.68 9.99 10.36
C ILE A 50 3.70 8.46 10.26
N LEU A 51 3.28 7.79 11.34
CA LEU A 51 3.26 6.35 11.36
C LEU A 51 2.35 5.80 10.27
N TYR A 52 1.24 6.50 10.03
CA TYR A 52 0.29 6.08 9.00
C TYR A 52 0.83 6.37 7.61
N LEU A 53 1.42 7.56 7.45
CA LEU A 53 1.97 7.96 6.16
C LEU A 53 3.22 7.13 5.84
N MET A 54 4.04 6.89 6.84
CA MET A 54 5.26 6.12 6.65
C MET A 54 4.96 4.79 5.95
N VAL A 55 3.90 4.13 6.40
CA VAL A 55 3.51 2.85 5.82
C VAL A 55 2.78 3.06 4.49
N MET A 56 1.99 4.13 4.42
CA MET A 56 1.25 4.43 3.20
C MET A 56 2.21 4.79 2.06
N ILE A 57 3.29 5.46 2.40
CA ILE A 57 4.28 5.86 1.41
C ILE A 57 5.00 4.63 0.85
N GLY A 58 5.35 3.70 1.73
CA GLY A 58 6.03 2.49 1.31
C GLY A 58 5.25 1.77 0.22
N MET A 59 3.93 1.74 0.37
CA MET A 59 3.07 1.09 -0.61
C MET A 59 3.07 1.86 -1.92
N PHE A 60 2.97 3.18 -1.82
CA PHE A 60 2.96 4.02 -3.01
C PHE A 60 4.26 3.87 -3.78
N SER A 61 5.38 3.83 -3.06
CA SER A 61 6.68 3.67 -3.69
C SER A 61 6.72 2.39 -4.52
N PHE A 62 6.00 1.37 -4.05
CA PHE A 62 5.96 0.09 -4.73
C PHE A 62 5.34 0.26 -6.12
N ILE A 63 4.24 1.00 -6.20
CA ILE A 63 3.56 1.24 -7.47
C ILE A 63 4.52 1.86 -8.47
N ILE A 64 5.32 2.82 -8.02
CA ILE A 64 6.27 3.49 -8.90
C ILE A 64 7.23 2.47 -9.52
N VAL A 65 7.61 1.47 -8.73
CA VAL A 65 8.53 0.44 -9.19
C VAL A 65 7.85 -0.48 -10.20
N ALA A 66 6.55 -0.68 -10.04
CA ALA A 66 5.80 -1.55 -10.95
C ALA A 66 5.62 -0.92 -12.32
N ILE A 67 5.31 0.37 -12.36
CA ILE A 67 5.10 1.06 -13.62
C ILE A 67 6.40 1.12 -14.44
N LEU A 68 7.52 1.35 -13.75
CA LEU A 68 8.81 1.42 -14.42
C LEU A 68 9.20 0.06 -15.00
N VAL A 69 9.05 -0.99 -14.20
CA VAL A 69 9.39 -2.34 -14.67
C VAL A 69 8.50 -2.73 -15.85
N SER A 70 7.24 -2.35 -15.78
CA SER A 70 6.29 -2.67 -16.84
C SER A 70 6.62 -1.86 -18.09
N THR A 71 6.83 -0.56 -17.90
CA THR A 71 7.17 0.31 -19.01
C THR A 71 8.51 -0.12 -19.61
N VAL A 72 9.37 -0.66 -18.75
CA VAL A 72 10.68 -1.12 -19.20
C VAL A 72 10.55 -2.42 -19.98
N LYS A 73 9.84 -3.38 -19.41
CA LYS A 73 9.63 -4.66 -20.06
C LYS A 73 8.80 -4.47 -21.31
N SER A 74 7.94 -3.45 -21.30
CA SER A 74 7.09 -3.17 -22.45
C SER A 74 7.92 -2.72 -23.65
N LYS A 75 8.93 -1.89 -23.38
CA LYS A 75 9.78 -1.38 -24.45
C LYS A 75 10.66 -2.49 -25.01
N ARG A 76 10.98 -3.47 -24.16
CA ARG A 76 11.83 -4.59 -24.58
C ARG A 76 11.14 -5.42 -25.64
N ARG A 77 9.81 -5.47 -25.59
CA ARG A 77 9.04 -6.24 -26.56
C ARG A 77 7.65 -5.64 -26.75
N GLU A 78 7.55 -4.68 -27.67
CA GLU A 78 6.27 -4.03 -27.94
C GLU A 78 6.39 -3.05 -29.09
N HIS A 79 6.12 -3.52 -30.30
CA HIS A 79 6.20 -2.67 -31.48
C HIS A 79 5.07 -1.66 -31.49
N SER A 80 4.37 -1.55 -30.36
CA SER A 80 3.26 -0.62 -30.24
C SER A 80 3.39 0.23 -28.97
N ASN A 81 2.39 0.14 -28.10
CA ASN A 81 2.41 0.89 -26.85
C ASN A 81 1.67 0.12 -25.76
N ASP A 82 0.35 0.31 -25.69
CA ASP A 82 -0.46 -0.36 -24.69
C ASP A 82 -1.58 -1.17 -25.36
N PRO A 83 -1.97 -2.25 -24.74
CA PRO A 83 -3.05 -3.13 -25.28
C PRO A 83 -4.42 -2.45 -25.23
N TYR A 84 -5.31 -2.86 -26.11
CA TYR A 84 -6.65 -2.27 -26.16
C TYR A 84 -7.64 -3.13 -25.37
N HIS A 85 -8.52 -2.47 -24.63
CA HIS A 85 -9.53 -3.18 -23.83
C HIS A 85 -10.84 -2.41 -23.83
N GLN A 86 -11.90 -3.07 -23.36
CA GLN A 86 -13.21 -2.44 -23.31
C GLN A 86 -13.27 -1.38 -22.21
N TYR A 87 -12.35 -1.46 -21.26
CA TYR A 87 -12.31 -0.50 -20.16
C TYR A 87 -11.44 0.71 -20.51
N ILE A 88 -10.31 0.46 -21.15
CA ILE A 88 -9.41 1.54 -21.54
C ILE A 88 -10.13 2.54 -22.43
N VAL A 89 -10.95 2.04 -23.35
CA VAL A 89 -11.69 2.90 -24.26
C VAL A 89 -12.77 3.67 -23.51
N GLU A 90 -13.48 2.98 -22.63
CA GLU A 90 -14.54 3.62 -21.85
C GLU A 90 -13.97 4.75 -21.01
N ASP A 91 -12.74 4.56 -20.52
CA ASP A 91 -12.09 5.57 -19.69
C ASP A 91 -11.63 6.75 -20.55
N TRP A 92 -11.42 6.49 -21.84
CA TRP A 92 -10.98 7.53 -22.76
C TRP A 92 -12.15 8.44 -23.13
N GLN A 93 -13.31 7.84 -23.40
CA GLN A 93 -14.48 8.61 -23.78
C GLN A 93 -14.74 9.71 -22.76
N GLU A 94 -14.25 9.51 -21.54
CA GLU A 94 -14.43 10.49 -20.49
C GLU A 94 -13.48 11.67 -20.69
N LYS A 95 -12.22 11.37 -20.98
CA LYS A 95 -11.22 12.40 -21.21
C LYS A 95 -11.42 13.03 -22.58
N TYR A 96 -12.03 12.29 -23.49
CA TYR A 96 -12.27 12.79 -24.84
C TYR A 96 -13.12 14.07 -24.79
N LYS A 97 -14.18 14.03 -24.02
CA LYS A 97 -15.08 15.18 -23.89
C LYS A 97 -14.30 16.42 -23.44
N SER A 98 -13.26 16.21 -22.64
CA SER A 98 -12.45 17.33 -22.15
C SER A 98 -11.56 17.88 -23.25
N GLN A 99 -10.98 17.00 -24.06
CA GLN A 99 -10.09 17.41 -25.14
C GLN A 99 -10.81 18.32 -26.13
N ILE A 100 -11.99 17.91 -26.57
CA ILE A 100 -12.75 18.70 -27.54
C ILE A 100 -13.25 20.00 -26.91
N LEU A 101 -13.62 19.94 -25.64
CA LEU A 101 -14.11 21.12 -24.94
C LEU A 101 -13.09 22.25 -24.99
N ASN A 102 -11.82 21.89 -24.88
CA ASN A 102 -10.75 22.89 -24.91
C ASN A 102 -10.55 23.41 -26.34
N LEU A 103 -10.65 22.51 -27.31
CA LEU A 103 -10.48 22.88 -28.72
C LEU A 103 -11.42 24.01 -29.10
N GLU A 104 -12.64 23.97 -28.55
CA GLU A 104 -13.64 24.99 -28.86
C GLU A 104 -13.25 26.34 -28.27
N GLU A 105 -12.66 26.32 -27.08
CA GLU A 105 -12.25 27.56 -26.43
C GLU A 105 -11.02 28.16 -27.10
N SER A 106 -10.16 27.30 -27.62
CA SER A 106 -8.94 27.76 -28.29
C SER A 106 -9.25 28.81 -29.35
N LYS A 107 -10.26 28.52 -30.18
CA LYS A 107 -10.64 29.45 -31.25
C LYS A 107 -10.92 30.85 -30.70
N ALA A 108 -11.50 30.91 -29.50
CA ALA A 108 -11.84 32.19 -28.88
C ALA A 108 -10.57 32.90 -28.41
N THR A 109 -9.58 32.13 -27.97
CA THR A 109 -8.33 32.70 -27.49
C THR A 109 -7.63 33.51 -28.57
N ILE A 110 -7.54 32.93 -29.77
CA ILE A 110 -6.87 33.61 -30.88
C ILE A 110 -7.46 35.00 -31.11
N HIS A 111 -8.78 35.10 -31.06
CA HIS A 111 -9.45 36.38 -31.28
C HIS A 111 -9.10 37.38 -30.18
N GLU A 112 -8.78 36.88 -28.99
CA GLU A 112 -8.43 37.75 -27.88
C GLU A 112 -7.00 38.28 -28.03
N ASN A 113 -6.19 37.58 -28.82
CA ASN A 113 -4.81 38.00 -29.03
C ASN A 113 -4.75 39.46 -29.50
N ILE A 114 -5.62 39.81 -30.43
CA ILE A 114 -5.66 41.17 -30.95
C ILE A 114 -6.45 42.09 -30.03
N GLY A 115 -7.51 41.55 -29.44
CA GLY A 115 -8.35 42.34 -28.53
C GLY A 115 -7.54 42.81 -27.33
N ALA A 116 -6.45 42.11 -27.03
CA ALA A 116 -5.60 42.47 -25.90
C ALA A 116 -4.93 43.82 -26.14
N ALA A 117 -4.25 43.95 -27.27
CA ALA A 117 -3.57 45.19 -27.62
C ALA A 117 -2.42 45.45 -26.66
N GLY A 118 -1.21 45.11 -27.08
CA GLY A 118 -0.03 45.32 -26.26
C GLY A 118 0.38 44.04 -25.54
N PHE A 119 1.27 43.28 -26.15
CA PHE A 119 1.74 42.02 -25.56
C PHE A 119 3.15 41.71 -26.03
N LYS A 120 4.14 42.21 -25.31
CA LYS A 120 5.53 41.97 -25.66
C LYS A 120 5.94 40.55 -25.31
N MET A 121 5.43 39.58 -26.07
CA MET A 121 5.74 38.19 -25.84
C MET A 121 5.64 37.39 -27.12
N SER A 122 6.55 36.43 -27.30
CA SER A 122 6.53 35.60 -28.50
C SER A 122 5.36 34.62 -28.47
N PRO A 123 4.86 34.26 -29.62
CA PRO A 123 3.71 33.32 -29.74
C PRO A 123 4.09 31.91 -29.30
N MET A 1 -27.57 -29.44 54.56
CA MET A 1 -27.87 -29.28 53.12
C MET A 1 -26.94 -28.23 52.51
N SER A 2 -26.23 -28.60 51.45
CA SER A 2 -25.31 -27.67 50.81
C SER A 2 -25.86 -27.25 49.45
N THR A 3 -26.80 -26.30 49.47
CA THR A 3 -27.40 -25.83 48.23
C THR A 3 -26.32 -25.32 47.26
N LEU A 4 -25.17 -24.95 47.82
CA LEU A 4 -24.07 -24.45 46.99
C LEU A 4 -23.74 -25.43 45.87
N SER A 5 -23.85 -26.72 46.18
CA SER A 5 -23.58 -27.75 45.18
C SER A 5 -24.74 -27.90 44.20
N ASN A 6 -25.95 -27.96 44.75
CA ASN A 6 -27.14 -28.10 43.92
C ASN A 6 -27.27 -26.92 42.97
N PHE A 7 -26.80 -25.76 43.40
CA PHE A 7 -26.87 -24.56 42.58
C PHE A 7 -26.21 -24.79 41.22
N THR A 8 -25.27 -25.74 41.18
CA THR A 8 -24.56 -26.03 39.95
C THR A 8 -25.57 -26.31 38.82
N GLN A 9 -26.70 -26.91 39.19
CA GLN A 9 -27.74 -27.20 38.20
C GLN A 9 -28.22 -25.92 37.54
N THR A 10 -28.20 -24.83 38.29
CA THR A 10 -28.63 -23.54 37.79
C THR A 10 -27.55 -22.94 36.87
N LEU A 11 -26.29 -23.24 37.19
CA LEU A 11 -25.18 -22.73 36.41
C LEU A 11 -25.32 -23.14 34.94
N GLU A 12 -25.68 -24.39 34.71
CA GLU A 12 -25.85 -24.89 33.35
C GLU A 12 -26.77 -23.97 32.55
N ASP A 13 -27.79 -23.45 33.23
CA ASP A 13 -28.74 -22.55 32.59
C ASP A 13 -28.06 -21.23 32.23
N VAL A 14 -27.18 -20.78 33.11
CA VAL A 14 -26.46 -19.53 32.88
C VAL A 14 -25.35 -19.76 31.87
N PHE A 15 -24.60 -20.83 32.07
CA PHE A 15 -23.51 -21.17 31.16
C PHE A 15 -24.07 -21.35 29.76
N ARG A 16 -25.30 -21.85 29.69
CA ARG A 16 -25.94 -22.07 28.40
C ARG A 16 -26.28 -20.74 27.74
N ARG A 17 -26.87 -19.84 28.51
CA ARG A 17 -27.23 -18.52 27.99
C ARG A 17 -25.99 -17.67 27.79
N ILE A 18 -25.00 -17.86 28.66
CA ILE A 18 -23.75 -17.11 28.57
C ILE A 18 -23.08 -17.35 27.22
N PHE A 19 -23.24 -18.57 26.69
CA PHE A 19 -22.65 -18.93 25.41
C PHE A 19 -23.39 -18.23 24.28
N ILE A 20 -24.71 -18.39 24.26
CA ILE A 20 -25.52 -17.73 23.24
C ILE A 20 -25.43 -16.23 23.45
N THR A 21 -25.37 -15.84 24.71
CA THR A 21 -25.24 -14.44 25.07
C THR A 21 -23.82 -13.97 24.82
N TYR A 22 -22.85 -14.85 25.10
CA TYR A 22 -21.45 -14.49 24.89
C TYR A 22 -21.20 -14.23 23.42
N MET A 23 -21.58 -15.19 22.59
CA MET A 23 -21.41 -15.07 21.15
C MET A 23 -22.20 -13.87 20.64
N ASP A 24 -23.27 -13.54 21.35
CA ASP A 24 -24.10 -12.40 20.96
C ASP A 24 -23.39 -11.09 21.29
N ASN A 25 -22.76 -11.05 22.46
CA ASN A 25 -22.05 -9.84 22.88
C ASN A 25 -20.92 -9.53 21.90
N TRP A 26 -20.29 -10.58 21.37
CA TRP A 26 -19.21 -10.41 20.42
C TRP A 26 -19.66 -9.51 19.26
N ARG A 27 -20.90 -9.72 18.82
CA ARG A 27 -21.45 -8.92 17.73
C ARG A 27 -21.76 -7.51 18.19
N GLN A 28 -22.21 -7.39 19.44
CA GLN A 28 -22.53 -6.09 20.01
C GLN A 28 -21.27 -5.39 20.49
N ASN A 29 -20.22 -6.18 20.70
CA ASN A 29 -18.95 -5.62 21.17
C ASN A 29 -18.47 -4.52 20.22
N THR A 30 -19.03 -4.48 19.02
CA THR A 30 -18.65 -3.48 18.04
C THR A 30 -18.83 -2.08 18.62
N THR A 31 -19.91 -1.90 19.38
CA THR A 31 -20.18 -0.60 19.99
C THR A 31 -19.10 -0.26 21.01
N ALA A 32 -18.63 -1.28 21.73
CA ALA A 32 -17.60 -1.07 22.74
C ALA A 32 -16.33 -0.53 22.08
N GLU A 33 -16.08 -0.95 20.85
CA GLU A 33 -14.91 -0.49 20.12
C GLU A 33 -15.00 1.01 19.83
N GLN A 34 -16.21 1.46 19.52
CA GLN A 34 -16.42 2.87 19.23
C GLN A 34 -15.91 3.73 20.38
N GLU A 35 -16.16 3.28 21.61
CA GLU A 35 -15.71 4.01 22.78
C GLU A 35 -14.19 4.06 22.83
N ALA A 36 -13.56 2.92 22.56
CA ALA A 36 -12.11 2.84 22.57
C ALA A 36 -11.52 3.70 21.45
N LEU A 37 -12.25 3.79 20.34
CA LEU A 37 -11.80 4.59 19.21
C LEU A 37 -11.64 6.06 19.62
N GLN A 38 -12.61 6.56 20.36
CA GLN A 38 -12.58 7.94 20.82
C GLN A 38 -11.36 8.19 21.70
N ALA A 39 -10.95 7.16 22.44
CA ALA A 39 -9.80 7.27 23.32
C ALA A 39 -8.51 7.33 22.50
N LYS A 40 -8.58 6.83 21.27
CA LYS A 40 -7.42 6.82 20.38
C LYS A 40 -7.03 8.25 20.00
N VAL A 41 -7.91 9.20 20.31
CA VAL A 41 -7.66 10.60 20.00
C VAL A 41 -6.62 11.19 20.96
N ASP A 42 -5.66 10.37 21.35
CA ASP A 42 -4.61 10.82 22.27
C ASP A 42 -3.41 11.33 21.49
N ALA A 43 -3.31 12.65 21.36
CA ALA A 43 -2.19 13.25 20.64
C ALA A 43 -0.87 12.74 21.17
N GLU A 44 -0.91 12.03 22.29
CA GLU A 44 0.30 11.48 22.88
C GLU A 44 0.99 10.51 21.93
N ASN A 45 0.18 9.78 21.16
CA ASN A 45 0.72 8.82 20.20
C ASN A 45 1.07 9.52 18.89
N PHE A 46 1.58 10.74 19.01
CA PHE A 46 1.96 11.51 17.83
C PHE A 46 2.89 10.72 16.92
N TYR A 47 3.72 9.86 17.53
CA TYR A 47 4.66 9.06 16.77
C TYR A 47 3.92 8.06 15.87
N TYR A 48 2.75 7.63 16.29
CA TYR A 48 1.96 6.69 15.51
C TYR A 48 1.35 7.37 14.29
N VAL A 49 1.13 8.67 14.39
CA VAL A 49 0.54 9.43 13.29
C VAL A 49 1.52 9.55 12.13
N ILE A 50 2.76 9.93 12.45
CA ILE A 50 3.79 10.08 11.43
C ILE A 50 4.10 8.74 10.76
N LEU A 51 4.01 7.67 11.53
CA LEU A 51 4.29 6.34 11.01
C LEU A 51 3.27 5.95 9.95
N TYR A 52 1.99 6.17 10.24
CA TYR A 52 0.93 5.83 9.29
C TYR A 52 1.04 6.70 8.03
N LEU A 53 1.34 7.99 8.23
CA LEU A 53 1.47 8.90 7.11
C LEU A 53 2.61 8.48 6.19
N MET A 54 3.68 7.97 6.79
CA MET A 54 4.84 7.53 6.01
C MET A 54 4.45 6.40 5.07
N VAL A 55 3.62 5.48 5.55
CA VAL A 55 3.18 4.36 4.74
C VAL A 55 2.47 4.85 3.48
N MET A 56 1.64 5.87 3.63
CA MET A 56 0.92 6.43 2.49
C MET A 56 1.88 6.84 1.40
N ILE A 57 2.86 7.68 1.76
CA ILE A 57 3.85 8.14 0.80
C ILE A 57 4.58 6.96 0.16
N GLY A 58 4.86 5.94 0.97
CA GLY A 58 5.55 4.75 0.48
C GLY A 58 4.73 4.06 -0.60
N MET A 59 3.43 3.91 -0.34
CA MET A 59 2.54 3.26 -1.31
C MET A 59 2.60 3.98 -2.64
N PHE A 60 2.69 5.31 -2.60
CA PHE A 60 2.76 6.10 -3.81
C PHE A 60 3.97 5.71 -4.64
N SER A 61 5.11 5.51 -3.97
CA SER A 61 6.33 5.13 -4.65
C SER A 61 6.17 3.78 -5.34
N PHE A 62 5.44 2.88 -4.69
CA PHE A 62 5.21 1.54 -5.24
C PHE A 62 4.50 1.65 -6.58
N ILE A 63 3.57 2.59 -6.69
CA ILE A 63 2.82 2.78 -7.92
C ILE A 63 3.75 3.16 -9.07
N ILE A 64 4.63 4.12 -8.80
CA ILE A 64 5.58 4.59 -9.82
C ILE A 64 6.48 3.46 -10.27
N VAL A 65 7.02 2.70 -9.32
CA VAL A 65 7.90 1.58 -9.63
C VAL A 65 7.17 0.56 -10.49
N ALA A 66 5.88 0.37 -10.22
CA ALA A 66 5.09 -0.60 -10.98
C ALA A 66 5.02 -0.20 -12.45
N ILE A 67 5.03 1.10 -12.71
CA ILE A 67 4.97 1.60 -14.08
C ILE A 67 6.31 1.43 -14.78
N LEU A 68 7.39 1.56 -14.04
CA LEU A 68 8.73 1.42 -14.62
C LEU A 68 9.02 -0.03 -14.96
N VAL A 69 8.72 -0.94 -14.05
CA VAL A 69 8.95 -2.36 -14.27
C VAL A 69 8.21 -2.83 -15.52
N SER A 70 6.99 -2.32 -15.71
CA SER A 70 6.19 -2.69 -16.86
C SER A 70 6.79 -2.10 -18.13
N THR A 71 7.10 -0.81 -18.06
CA THR A 71 7.70 -0.13 -19.20
C THR A 71 8.98 -0.84 -19.61
N VAL A 72 9.65 -1.44 -18.61
CA VAL A 72 10.88 -2.16 -18.86
C VAL A 72 10.59 -3.50 -19.53
N LYS A 73 9.61 -4.22 -18.98
CA LYS A 73 9.21 -5.51 -19.52
C LYS A 73 8.54 -5.31 -20.87
N SER A 74 7.89 -4.16 -21.03
CA SER A 74 7.20 -3.86 -22.28
C SER A 74 8.15 -3.97 -23.47
N LYS A 75 9.43 -3.77 -23.21
CA LYS A 75 10.44 -3.86 -24.26
C LYS A 75 10.67 -5.32 -24.66
N ARG A 76 10.05 -6.23 -23.91
CA ARG A 76 10.19 -7.65 -24.19
C ARG A 76 9.67 -7.99 -25.58
N ARG A 77 8.83 -7.12 -26.13
CA ARG A 77 8.27 -7.36 -27.46
C ARG A 77 9.23 -6.91 -28.55
N GLU A 78 10.26 -6.15 -28.15
CA GLU A 78 11.25 -5.66 -29.11
C GLU A 78 12.59 -6.31 -28.86
N HIS A 79 13.33 -6.58 -29.94
CA HIS A 79 14.64 -7.21 -29.83
C HIS A 79 15.57 -6.35 -28.99
N SER A 80 16.73 -6.89 -28.66
CA SER A 80 17.71 -6.16 -27.86
C SER A 80 19.07 -6.14 -28.55
N ASN A 81 20.02 -5.44 -27.94
CA ASN A 81 21.36 -5.34 -28.51
C ASN A 81 22.40 -5.29 -27.40
N ASP A 82 22.18 -4.42 -26.43
CA ASP A 82 23.11 -4.27 -25.31
C ASP A 82 22.47 -4.80 -24.02
N PRO A 83 23.25 -5.42 -23.17
CA PRO A 83 22.75 -5.97 -21.88
C PRO A 83 22.18 -4.88 -20.97
N TYR A 84 21.17 -5.25 -20.18
CA TYR A 84 20.54 -4.28 -19.28
C TYR A 84 21.14 -4.40 -17.88
N HIS A 85 21.62 -3.27 -17.37
CA HIS A 85 22.23 -3.25 -16.04
C HIS A 85 22.61 -1.83 -15.64
N GLN A 86 23.87 -1.48 -15.85
CA GLN A 86 24.35 -0.14 -15.52
C GLN A 86 23.81 0.89 -16.50
N TYR A 87 23.36 0.41 -17.66
CA TYR A 87 22.81 1.30 -18.69
C TYR A 87 21.38 1.70 -18.35
N ILE A 88 20.93 1.29 -17.17
CA ILE A 88 19.56 1.61 -16.75
C ILE A 88 19.30 3.11 -16.86
N VAL A 89 20.32 3.91 -16.59
CA VAL A 89 20.20 5.36 -16.67
C VAL A 89 20.10 5.80 -18.13
N GLU A 90 20.61 4.96 -19.03
CA GLU A 90 20.57 5.26 -20.45
C GLU A 90 19.12 5.44 -20.92
N ASP A 91 18.24 4.56 -20.44
CA ASP A 91 16.83 4.63 -20.81
C ASP A 91 16.26 5.99 -20.41
N TRP A 92 16.67 6.47 -19.25
CA TRP A 92 16.21 7.77 -18.76
C TRP A 92 16.70 8.88 -19.67
N GLN A 93 17.95 8.78 -20.11
CA GLN A 93 18.54 9.78 -21.00
C GLN A 93 17.94 9.67 -22.39
N GLU A 94 17.50 8.46 -22.75
CA GLU A 94 16.91 8.24 -24.06
C GLU A 94 15.50 8.81 -24.09
N LYS A 95 14.73 8.51 -23.05
CA LYS A 95 13.37 9.02 -22.95
C LYS A 95 13.41 10.54 -22.83
N TYR A 96 14.52 11.05 -22.33
CA TYR A 96 14.69 12.50 -22.18
C TYR A 96 14.91 13.15 -23.53
N LYS A 97 15.68 12.49 -24.39
CA LYS A 97 15.96 13.01 -25.72
C LYS A 97 14.67 13.09 -26.55
N SER A 98 13.85 12.06 -26.41
CA SER A 98 12.59 12.02 -27.14
C SER A 98 11.66 13.14 -26.69
N GLN A 99 11.76 13.50 -25.41
CA GLN A 99 10.92 14.56 -24.87
C GLN A 99 11.17 15.87 -25.60
N ILE A 100 12.44 16.21 -25.79
CA ILE A 100 12.80 17.45 -26.48
C ILE A 100 12.53 17.31 -27.97
N LEU A 101 12.86 16.16 -28.53
CA LEU A 101 12.64 15.91 -29.95
C LEU A 101 11.17 16.10 -30.30
N ASN A 102 10.29 15.74 -29.38
CA ASN A 102 8.86 15.87 -29.60
C ASN A 102 8.45 17.35 -29.62
N LEU A 103 9.14 18.15 -28.81
CA LEU A 103 8.83 19.58 -28.74
C LEU A 103 9.07 20.24 -30.10
N GLU A 104 10.21 19.94 -30.70
CA GLU A 104 10.56 20.51 -32.00
C GLU A 104 9.43 20.31 -33.00
N GLU A 105 8.79 19.15 -32.92
CA GLU A 105 7.68 18.83 -33.83
C GLU A 105 6.56 19.85 -33.69
N SER A 106 6.23 20.20 -32.45
CA SER A 106 5.16 21.16 -32.20
C SER A 106 5.49 22.52 -32.83
N LYS A 107 6.77 22.89 -32.77
CA LYS A 107 7.19 24.16 -33.34
C LYS A 107 6.87 24.22 -34.83
N ALA A 108 7.07 23.09 -35.51
CA ALA A 108 6.80 23.02 -36.95
C ALA A 108 5.37 23.44 -37.25
N THR A 109 4.44 23.02 -36.38
CA THR A 109 3.03 23.37 -36.57
C THR A 109 2.84 24.88 -36.53
N ILE A 110 3.48 25.53 -35.56
CA ILE A 110 3.37 26.98 -35.44
C ILE A 110 3.93 27.68 -36.68
N HIS A 111 4.96 27.08 -37.27
CA HIS A 111 5.58 27.65 -38.46
C HIS A 111 4.61 27.62 -39.63
N GLU A 112 3.69 26.67 -39.61
CA GLU A 112 2.72 26.54 -40.70
C GLU A 112 1.61 27.57 -40.56
N ASN A 113 1.06 27.71 -39.36
CA ASN A 113 -0.01 28.67 -39.11
C ASN A 113 0.46 30.09 -39.43
N ILE A 114 1.66 30.43 -38.99
CA ILE A 114 2.20 31.76 -39.23
C ILE A 114 2.36 32.03 -40.73
N GLY A 115 2.66 30.97 -41.48
CA GLY A 115 2.84 31.10 -42.93
C GLY A 115 1.58 31.67 -43.58
N ALA A 116 0.45 31.58 -42.87
CA ALA A 116 -0.81 32.08 -43.40
C ALA A 116 -0.75 33.60 -43.57
N ALA A 117 0.26 34.22 -42.97
CA ALA A 117 0.40 35.67 -43.07
C ALA A 117 1.52 36.02 -44.04
N GLY A 118 1.93 35.06 -44.85
CA GLY A 118 2.99 35.28 -45.82
C GLY A 118 3.37 33.98 -46.53
N PHE A 119 2.89 33.82 -47.77
CA PHE A 119 3.18 32.61 -48.53
C PHE A 119 3.12 32.92 -50.03
N LYS A 120 4.26 33.31 -50.60
CA LYS A 120 4.31 33.62 -52.02
C LYS A 120 5.22 32.63 -52.75
N MET A 121 6.51 32.66 -52.43
CA MET A 121 7.46 31.76 -53.06
C MET A 121 7.32 30.34 -52.51
N SER A 122 7.35 29.36 -53.39
CA SER A 122 7.23 27.96 -52.98
C SER A 122 8.36 27.57 -52.04
N PRO A 123 8.11 26.65 -51.15
CA PRO A 123 9.12 26.17 -50.16
C PRO A 123 10.53 26.16 -50.75
N MET A 1 -36.03 49.50 12.38
CA MET A 1 -37.21 50.42 12.52
C MET A 1 -37.93 50.12 13.82
N SER A 2 -37.43 49.13 14.56
CA SER A 2 -38.04 48.75 15.83
C SER A 2 -37.00 48.74 16.94
N THR A 3 -36.75 49.92 17.52
CA THR A 3 -35.77 50.03 18.59
C THR A 3 -36.18 49.20 19.81
N LEU A 4 -37.48 48.94 19.93
CA LEU A 4 -37.98 48.15 21.04
C LEU A 4 -37.62 46.68 20.88
N SER A 5 -37.72 46.17 19.65
CA SER A 5 -37.39 44.78 19.37
C SER A 5 -35.88 44.58 19.37
N ASN A 6 -35.16 45.54 18.79
CA ASN A 6 -33.70 45.44 18.73
C ASN A 6 -33.12 45.39 20.14
N PHE A 7 -33.76 46.06 21.07
CA PHE A 7 -33.30 46.10 22.45
C PHE A 7 -33.49 44.73 23.11
N THR A 8 -34.67 44.15 22.92
CA THR A 8 -34.97 42.85 23.50
C THR A 8 -34.08 41.77 22.87
N GLN A 9 -33.88 41.87 21.56
CA GLN A 9 -33.05 40.90 20.84
C GLN A 9 -31.67 40.81 21.49
N THR A 10 -31.22 41.91 22.07
CA THR A 10 -29.91 41.94 22.72
C THR A 10 -29.86 40.93 23.86
N LEU A 11 -30.88 40.97 24.71
CA LEU A 11 -30.95 40.06 25.86
C LEU A 11 -30.92 38.62 25.39
N GLU A 12 -31.58 38.34 24.27
CA GLU A 12 -31.62 36.98 23.73
C GLU A 12 -30.26 36.60 23.17
N ASP A 13 -29.57 37.57 22.57
CA ASP A 13 -28.26 37.33 21.99
C ASP A 13 -27.32 36.69 23.02
N VAL A 14 -27.44 37.12 24.27
CA VAL A 14 -26.62 36.58 25.34
C VAL A 14 -27.07 35.16 25.68
N PHE A 15 -28.37 34.99 25.80
CA PHE A 15 -28.94 33.69 26.09
C PHE A 15 -28.67 32.75 24.92
N ARG A 16 -28.68 33.32 23.72
CA ARG A 16 -28.42 32.54 22.52
C ARG A 16 -26.95 32.13 22.45
N ARG A 17 -26.08 33.07 22.82
CA ARG A 17 -24.65 32.79 22.81
C ARG A 17 -24.30 31.73 23.86
N ILE A 18 -25.01 31.78 24.99
CA ILE A 18 -24.79 30.81 26.06
C ILE A 18 -25.39 29.46 25.69
N PHE A 19 -26.48 29.49 24.94
CA PHE A 19 -27.15 28.27 24.52
C PHE A 19 -26.33 27.54 23.47
N ILE A 20 -25.95 28.27 22.41
CA ILE A 20 -25.15 27.67 21.36
C ILE A 20 -23.82 27.22 21.96
N THR A 21 -23.28 28.06 22.83
CA THR A 21 -22.03 27.75 23.50
C THR A 21 -22.26 26.65 24.53
N TYR A 22 -23.40 26.70 25.21
CA TYR A 22 -23.72 25.70 26.21
C TYR A 22 -23.86 24.33 25.54
N MET A 23 -24.55 24.32 24.40
CA MET A 23 -24.74 23.09 23.66
C MET A 23 -23.42 22.67 23.01
N ASP A 24 -22.57 23.66 22.74
CA ASP A 24 -21.28 23.39 22.11
C ASP A 24 -20.39 22.57 23.04
N ASN A 25 -20.39 22.94 24.32
CA ASN A 25 -19.59 22.24 25.31
C ASN A 25 -20.00 20.77 25.40
N TRP A 26 -21.29 20.52 25.23
CA TRP A 26 -21.81 19.16 25.29
C TRP A 26 -21.23 18.29 24.17
N ARG A 27 -20.98 18.91 23.02
CA ARG A 27 -20.41 18.19 21.89
C ARG A 27 -18.97 17.78 22.17
N GLN A 28 -18.29 18.56 23.00
CA GLN A 28 -16.90 18.29 23.36
C GLN A 28 -16.77 16.92 24.00
N ASN A 29 -17.89 16.36 24.45
CA ASN A 29 -17.88 15.05 25.09
C ASN A 29 -17.50 13.96 24.10
N THR A 30 -18.08 14.02 22.90
CA THR A 30 -17.80 13.02 21.88
C THR A 30 -16.29 12.94 21.59
N THR A 31 -15.67 14.11 21.47
CA THR A 31 -14.24 14.16 21.19
C THR A 31 -13.42 13.70 22.40
N ALA A 32 -13.92 14.01 23.60
CA ALA A 32 -13.22 13.63 24.83
C ALA A 32 -12.95 12.14 24.85
N GLU A 33 -13.85 11.35 24.28
CA GLU A 33 -13.69 9.90 24.26
C GLU A 33 -12.59 9.49 23.28
N GLN A 34 -12.64 10.05 22.08
CA GLN A 34 -11.64 9.73 21.06
C GLN A 34 -10.23 10.08 21.55
N GLU A 35 -10.10 11.24 22.18
CA GLU A 35 -8.82 11.69 22.70
C GLU A 35 -8.40 10.89 23.93
N ALA A 36 -9.38 10.61 24.80
CA ALA A 36 -9.11 9.85 26.01
C ALA A 36 -8.58 8.46 25.69
N LEU A 37 -9.07 7.88 24.60
CA LEU A 37 -8.65 6.55 24.20
C LEU A 37 -7.12 6.49 24.04
N GLN A 38 -6.56 7.53 23.43
CA GLN A 38 -5.12 7.58 23.22
C GLN A 38 -4.38 7.80 24.54
N ALA A 39 -5.08 8.37 25.51
CA ALA A 39 -4.48 8.63 26.82
C ALA A 39 -3.89 7.37 27.42
N LYS A 40 -4.36 6.21 26.96
CA LYS A 40 -3.87 4.94 27.49
C LYS A 40 -2.84 4.32 26.54
N VAL A 41 -2.99 4.54 25.25
CA VAL A 41 -2.05 3.99 24.28
C VAL A 41 -1.50 5.09 23.36
N ASP A 42 -0.86 4.68 22.27
CA ASP A 42 -0.28 5.63 21.32
C ASP A 42 -0.02 6.97 21.99
N ALA A 43 0.69 6.94 23.11
CA ALA A 43 1.01 8.16 23.84
C ALA A 43 2.11 8.95 23.13
N GLU A 44 2.95 8.24 22.38
CA GLU A 44 4.03 8.87 21.65
C GLU A 44 3.48 9.81 20.58
N ASN A 45 2.49 9.32 19.83
CA ASN A 45 1.88 10.11 18.76
C ASN A 45 2.88 10.36 17.65
N PHE A 46 4.15 10.58 18.01
CA PHE A 46 5.18 10.85 17.02
C PHE A 46 5.32 9.66 16.07
N TYR A 47 5.39 8.46 16.63
CA TYR A 47 5.53 7.26 15.82
C TYR A 47 4.29 7.04 14.95
N TYR A 48 3.14 7.50 15.45
CA TYR A 48 1.90 7.36 14.71
C TYR A 48 1.95 8.13 13.39
N VAL A 49 2.49 9.33 13.44
CA VAL A 49 2.59 10.16 12.24
C VAL A 49 3.44 9.47 11.17
N ILE A 50 4.51 8.82 11.60
CA ILE A 50 5.39 8.12 10.67
C ILE A 50 4.66 6.96 10.00
N LEU A 51 3.75 6.33 10.75
CA LEU A 51 2.99 5.21 10.20
C LEU A 51 2.01 5.70 9.13
N TYR A 52 1.34 6.82 9.42
CA TYR A 52 0.38 7.37 8.47
C TYR A 52 1.08 7.75 7.18
N LEU A 53 2.28 8.33 7.30
CA LEU A 53 3.05 8.74 6.13
C LEU A 53 3.60 7.52 5.40
N MET A 54 4.00 6.51 6.17
CA MET A 54 4.55 5.29 5.59
C MET A 54 3.57 4.68 4.61
N VAL A 55 2.30 4.63 5.00
CA VAL A 55 1.26 4.06 4.13
C VAL A 55 1.09 4.90 2.87
N MET A 56 0.47 6.07 3.02
CA MET A 56 0.25 6.96 1.89
C MET A 56 1.42 6.92 0.92
N ILE A 57 2.57 7.41 1.38
CA ILE A 57 3.77 7.43 0.54
C ILE A 57 4.07 6.04 -0.01
N GLY A 58 3.88 5.02 0.82
CA GLY A 58 4.13 3.65 0.40
C GLY A 58 3.18 3.21 -0.70
N MET A 59 1.91 3.55 -0.56
CA MET A 59 0.91 3.16 -1.56
C MET A 59 1.17 3.89 -2.88
N PHE A 60 1.45 5.18 -2.80
CA PHE A 60 1.71 5.97 -4.00
C PHE A 60 3.04 5.58 -4.63
N SER A 61 4.07 5.47 -3.81
CA SER A 61 5.40 5.10 -4.30
C SER A 61 5.33 3.79 -5.07
N PHE A 62 4.43 2.90 -4.65
CA PHE A 62 4.27 1.61 -5.31
C PHE A 62 3.66 1.79 -6.70
N ILE A 63 2.75 2.76 -6.81
CA ILE A 63 2.10 3.03 -8.09
C ILE A 63 3.12 3.42 -9.15
N ILE A 64 3.98 4.36 -8.81
CA ILE A 64 5.02 4.82 -9.74
C ILE A 64 5.96 3.67 -10.09
N VAL A 65 6.27 2.85 -9.10
CA VAL A 65 7.17 1.72 -9.31
C VAL A 65 6.55 0.70 -10.25
N ALA A 66 5.28 0.36 -10.01
CA ALA A 66 4.58 -0.60 -10.85
C ALA A 66 4.68 -0.20 -12.32
N ILE A 67 4.41 1.06 -12.61
CA ILE A 67 4.46 1.56 -13.97
C ILE A 67 5.84 1.30 -14.58
N LEU A 68 6.87 1.40 -13.75
CA LEU A 68 8.24 1.17 -14.22
C LEU A 68 8.41 -0.26 -14.70
N VAL A 69 7.85 -1.21 -13.96
CA VAL A 69 7.95 -2.61 -14.32
C VAL A 69 7.42 -2.84 -15.74
N SER A 70 6.27 -2.24 -16.05
CA SER A 70 5.68 -2.38 -17.37
C SER A 70 6.51 -1.62 -18.39
N THR A 71 6.82 -0.37 -18.05
CA THR A 71 7.63 0.46 -18.93
C THR A 71 8.98 -0.20 -19.17
N VAL A 72 9.43 -0.94 -18.16
CA VAL A 72 10.71 -1.65 -18.24
C VAL A 72 10.56 -2.86 -19.15
N LYS A 73 9.50 -3.62 -18.94
CA LYS A 73 9.24 -4.80 -19.75
C LYS A 73 8.87 -4.38 -21.16
N SER A 74 8.27 -3.21 -21.28
CA SER A 74 7.87 -2.70 -22.60
C SER A 74 9.10 -2.36 -23.42
N LYS A 75 10.05 -1.67 -22.80
CA LYS A 75 11.28 -1.30 -23.48
C LYS A 75 12.13 -2.52 -23.77
N ARG A 76 12.16 -3.45 -22.82
CA ARG A 76 12.93 -4.68 -22.98
C ARG A 76 12.29 -5.57 -24.04
N ARG A 77 10.98 -5.43 -24.21
CA ARG A 77 10.26 -6.24 -25.19
C ARG A 77 10.62 -7.71 -25.04
N GLU A 78 10.55 -8.22 -23.82
CA GLU A 78 10.88 -9.61 -23.56
C GLU A 78 9.72 -10.32 -22.85
N HIS A 79 8.65 -10.56 -23.59
CA HIS A 79 7.49 -11.23 -23.01
C HIS A 79 7.87 -12.61 -22.49
N SER A 80 6.93 -13.29 -21.85
CA SER A 80 7.19 -14.61 -21.30
C SER A 80 5.98 -15.12 -20.53
N ASN A 81 6.18 -15.40 -19.24
CA ASN A 81 5.11 -15.89 -18.40
C ASN A 81 4.08 -14.80 -18.15
N ASP A 82 3.51 -14.26 -19.23
CA ASP A 82 2.51 -13.21 -19.12
C ASP A 82 1.24 -13.61 -19.87
N PRO A 83 0.09 -13.35 -19.29
CA PRO A 83 -1.22 -13.68 -19.93
C PRO A 83 -1.52 -12.78 -21.13
N TYR A 84 -1.93 -13.39 -22.23
CA TYR A 84 -2.25 -12.65 -23.44
C TYR A 84 -3.73 -12.28 -23.47
N HIS A 85 -4.02 -10.99 -23.33
CA HIS A 85 -5.40 -10.52 -23.34
C HIS A 85 -5.46 -9.02 -23.65
N GLN A 86 -5.08 -8.66 -24.86
CA GLN A 86 -5.08 -7.26 -25.27
C GLN A 86 -6.46 -6.64 -25.05
N TYR A 87 -7.48 -7.50 -24.93
CA TYR A 87 -8.84 -7.02 -24.71
C TYR A 87 -9.03 -6.59 -23.27
N ILE A 88 -8.03 -6.84 -22.44
CA ILE A 88 -8.09 -6.49 -21.03
C ILE A 88 -8.35 -4.99 -20.87
N VAL A 89 -7.86 -4.19 -21.82
CA VAL A 89 -8.04 -2.75 -21.76
C VAL A 89 -9.48 -2.36 -22.08
N GLU A 90 -10.13 -3.16 -22.92
CA GLU A 90 -11.51 -2.88 -23.30
C GLU A 90 -12.46 -3.21 -22.15
N ASP A 91 -12.10 -4.22 -21.35
CA ASP A 91 -12.94 -4.61 -20.23
C ASP A 91 -13.04 -3.49 -19.21
N TRP A 92 -11.95 -2.75 -19.04
CA TRP A 92 -11.93 -1.64 -18.09
C TRP A 92 -12.94 -0.57 -18.49
N GLN A 93 -13.08 -0.35 -19.79
CA GLN A 93 -14.02 0.65 -20.29
C GLN A 93 -15.43 0.34 -19.80
N GLU A 94 -15.72 -0.95 -19.64
CA GLU A 94 -17.03 -1.37 -19.17
C GLU A 94 -17.17 -1.12 -17.68
N LYS A 95 -16.13 -1.51 -16.93
CA LYS A 95 -16.13 -1.34 -15.48
C LYS A 95 -15.88 0.13 -15.13
N TYR A 96 -15.23 0.84 -16.04
CA TYR A 96 -14.93 2.26 -15.81
C TYR A 96 -16.22 3.06 -15.70
N LYS A 97 -17.30 2.52 -16.25
CA LYS A 97 -18.60 3.20 -16.21
C LYS A 97 -19.17 3.15 -14.80
N SER A 98 -19.05 1.98 -14.16
CA SER A 98 -19.57 1.81 -12.81
C SER A 98 -18.73 2.61 -11.81
N GLN A 99 -17.42 2.62 -12.02
CA GLN A 99 -16.53 3.36 -11.14
C GLN A 99 -16.91 4.83 -11.09
N ILE A 100 -17.18 5.40 -12.26
CA ILE A 100 -17.58 6.80 -12.34
C ILE A 100 -18.90 7.02 -11.62
N LEU A 101 -19.77 6.03 -11.68
CA LEU A 101 -21.07 6.12 -11.02
C LEU A 101 -20.90 6.20 -9.51
N ASN A 102 -19.92 5.46 -8.99
CA ASN A 102 -19.67 5.46 -7.55
C ASN A 102 -19.18 6.82 -7.10
N LEU A 103 -18.28 7.41 -7.88
CA LEU A 103 -17.73 8.72 -7.54
C LEU A 103 -18.83 9.78 -7.59
N GLU A 104 -19.78 9.61 -8.51
CA GLU A 104 -20.88 10.55 -8.64
C GLU A 104 -21.54 10.79 -7.29
N GLU A 105 -21.62 9.74 -6.48
CA GLU A 105 -22.23 9.85 -5.16
C GLU A 105 -21.43 10.80 -4.28
N SER A 106 -20.11 10.71 -4.36
CA SER A 106 -19.24 11.57 -3.57
C SER A 106 -19.53 13.04 -3.87
N LYS A 107 -19.81 13.32 -5.13
CA LYS A 107 -20.10 14.70 -5.55
C LYS A 107 -21.38 15.18 -4.87
N ALA A 108 -22.34 14.29 -4.71
CA ALA A 108 -23.61 14.63 -4.08
C ALA A 108 -23.36 15.20 -2.69
N THR A 109 -22.39 14.62 -1.98
CA THR A 109 -22.08 15.08 -0.63
C THR A 109 -21.57 16.53 -0.68
N ILE A 110 -20.78 16.85 -1.69
CA ILE A 110 -20.24 18.19 -1.84
C ILE A 110 -21.38 19.21 -1.94
N HIS A 111 -22.46 18.80 -2.60
CA HIS A 111 -23.62 19.68 -2.76
C HIS A 111 -24.16 20.10 -1.40
N GLU A 112 -23.94 19.26 -0.39
CA GLU A 112 -24.41 19.54 0.96
C GLU A 112 -23.65 20.73 1.54
N ASN A 113 -22.41 20.92 1.09
CA ASN A 113 -21.59 22.02 1.57
C ASN A 113 -22.31 23.35 1.40
N ILE A 114 -22.85 23.58 0.21
CA ILE A 114 -23.56 24.81 -0.07
C ILE A 114 -25.02 24.70 0.38
N GLY A 115 -25.49 23.47 0.51
CA GLY A 115 -26.87 23.24 0.94
C GLY A 115 -27.14 23.90 2.29
N ALA A 116 -26.06 24.16 3.04
CA ALA A 116 -26.20 24.78 4.34
C ALA A 116 -26.46 26.28 4.19
N ALA A 117 -25.60 26.95 3.43
CA ALA A 117 -25.75 28.38 3.20
C ALA A 117 -25.43 29.16 4.47
N GLY A 118 -24.24 29.75 4.52
CA GLY A 118 -23.83 30.52 5.69
C GLY A 118 -22.85 29.72 6.54
N PHE A 119 -21.56 30.00 6.38
CA PHE A 119 -20.54 29.30 7.15
C PHE A 119 -19.36 30.21 7.45
N LYS A 120 -19.47 30.98 8.52
CA LYS A 120 -18.41 31.90 8.90
C LYS A 120 -17.73 32.48 7.66
N MET A 121 -18.48 32.60 6.58
CA MET A 121 -17.95 33.15 5.34
C MET A 121 -18.07 34.67 5.33
N SER A 122 -16.95 35.34 5.09
CA SER A 122 -16.93 36.79 5.05
C SER A 122 -17.47 37.30 3.72
N PRO A 123 -18.16 38.42 3.73
CA PRO A 123 -18.74 39.02 2.49
C PRO A 123 -17.65 39.49 1.53
#